data_4HF5
#
_entry.id   4HF5
#
_cell.length_a   136.615
_cell.length_b   136.615
_cell.length_c   142.134
_cell.angle_alpha   90.00
_cell.angle_beta   90.00
_cell.angle_gamma   120.00
#
_symmetry.space_group_name_H-M   'P 3 2 1'
#
loop_
_entity.id
_entity.type
_entity.pdbx_description
1 polymer 'Hemagglutinin HA1'
2 polymer 'Hemagglutinin HA2'
3 polymer 'Fab 8F8 heavy chain'
4 polymer 'Fab 8F8 light chain'
5 branched alpha-D-mannopyranose-(1-6)-beta-D-mannopyranose-(1-4)-2-acetamido-2-deoxy-beta-D-glucopyranose-(1-4)-2-acetamido-2-deoxy-beta-D-glucopyranose
6 branched 2-acetamido-2-deoxy-beta-D-glucopyranose-(1-4)-2-acetamido-2-deoxy-beta-D-glucopyranose
#
loop_
_entity_poly.entity_id
_entity_poly.type
_entity_poly.pdbx_seq_one_letter_code
_entity_poly.pdbx_strand_id
1 'polypeptide(L)'
;PGDQICIGYHANNSTEKVDTILERNVTVTHAKDILEKTHNGKLCKLNGIPPLELGDCSIAGWLLGNPECDRLLSVPEWSY
IMEKENPRDGLCYPGSFNDYEELKHLLSSVKHFEKVKILPKDRWTQHTTTGGSRACAVSGNPSFFRNMVWLTEKGSNYPV
AKGSYNNTSGEQMLIIWGVHHPNDETEQRTLYQNVGTYVSVGTSTLNKRSTPEIATRPKVNGQGGRMEFSWTLLDMWDTI
NFESTGNLIAPEYGFKISKRGSSGIMKTEGTLENCETKCQTPLGAINTTLPFHNVHPLTIGECPKYVKSEKLVLATGLRN
VPQIESR
;
A
2 'polypeptide(L)'
;GLFGAIAGFIEGGWQGMVDGWYGYHHSNDQGSGYAADKESTQKAFDGITNKVNSVIEKMNTQFEAVGKEFSNLERRLENL
NKKMEDGFLDVWTYNAELLVLMENERTLDFHDSNVKNLYDKVRMQLRDNVKELGNGCFEFYHKCDDECMNSVKNGTYDYP
KYEEESKLNRNEIK
;
B
3 'polypeptide(L)'
;EVQLVESGGGVVQPGRSLRLSCAASGFMFSSYVMHWVRQPPGKGLEWVAVIWYDGSKTYFADSMRGRLTVSRDNSKNALY
LQMNRLRAEDTAVYYCARQQDSGYSGPEVSYYSHYGMDVWGQGTMVTVSSASTKGPSVFPLAPSSKSTSGGTAALGCLVK
DYFPEPVTVSWNSGALTSGVHTFPAVLQSSGLYSLSSVVTVPSSSLGTQTYICNVNHKPSNTKVDKRVEPKSC
;
H
4 'polypeptide(L)'
;QSVLTQSPSASGTPGQAITISCSGSSSNIGSNPVNWYQQLPGAAPKLLIYADEHRPSGVPDRFSGSKSGTSASLAISGLQ
SEDEADYYCAAWDDSLSGPAVVFGGGTKLTVLGQPKAAPSVTLFPPSSEELQANKATLVCLISDFYPGAVTVAWKADSSP
VKAGVETTTPSKQSNNKYAASSYLSLTPEQWKSHRSYSCQVTHEGSTVEKTVAPTECS
;
L
#
# COMPACT_ATOMS: atom_id res chain seq x y z
N PRO A 1 -45.47 68.49 -44.13
CA PRO A 1 -46.14 68.31 -45.43
C PRO A 1 -45.73 67.01 -46.12
N GLY A 2 -44.44 66.70 -46.14
CA GLY A 2 -43.92 65.78 -47.12
C GLY A 2 -43.80 64.27 -46.90
N ASP A 3 -43.13 63.68 -47.88
CA ASP A 3 -42.85 62.27 -47.98
C ASP A 3 -41.37 62.10 -47.66
N GLN A 4 -41.02 61.02 -46.99
CA GLN A 4 -39.62 60.76 -46.67
C GLN A 4 -39.40 59.28 -46.39
N ILE A 5 -38.16 58.82 -46.53
CA ILE A 5 -37.82 57.43 -46.24
C ILE A 5 -36.51 57.33 -45.45
N CYS A 6 -36.58 56.75 -44.26
CA CYS A 6 -35.39 56.66 -43.42
C CYS A 6 -34.59 55.38 -43.69
N ILE A 7 -33.47 55.24 -42.98
CA ILE A 7 -32.64 54.05 -43.05
C ILE A 7 -32.08 53.77 -41.65
N GLY A 8 -31.98 52.49 -41.28
CA GLY A 8 -31.57 52.13 -39.94
C GLY A 8 -31.37 50.63 -39.75
N TYR A 9 -31.07 50.23 -38.52
CA TYR A 9 -30.76 48.84 -38.22
C TYR A 9 -31.61 48.33 -37.06
N HIS A 10 -31.34 47.09 -36.65
CA HIS A 10 -32.08 46.37 -35.62
C HIS A 10 -31.72 46.88 -34.22
N ALA A 11 -32.38 46.30 -33.22
CA ALA A 11 -32.11 46.59 -31.82
C ALA A 11 -33.06 45.73 -30.98
N ASN A 12 -32.70 45.47 -29.73
CA ASN A 12 -33.51 44.63 -28.85
C ASN A 12 -33.19 44.85 -27.39
N ASN A 13 -33.76 44.00 -26.54
CA ASN A 13 -33.53 44.06 -25.09
C ASN A 13 -32.21 43.38 -24.68
N SER A 14 -31.56 42.75 -25.67
CA SER A 14 -30.36 41.93 -25.41
C SER A 14 -29.27 42.68 -24.65
N THR A 15 -28.83 42.09 -23.55
CA THR A 15 -27.68 42.59 -22.80
C THR A 15 -26.42 41.83 -23.20
N GLU A 16 -26.54 40.93 -24.17
CA GLU A 16 -25.44 40.05 -24.53
C GLU A 16 -24.18 40.85 -24.90
N LYS A 17 -23.07 40.54 -24.21
CA LYS A 17 -21.88 41.37 -24.29
C LYS A 17 -20.61 40.64 -24.75
N VAL A 18 -19.95 41.23 -25.74
CA VAL A 18 -18.69 40.71 -26.27
C VAL A 18 -17.55 41.69 -26.01
N ASP A 19 -16.35 41.29 -26.41
CA ASP A 19 -15.20 42.17 -26.33
C ASP A 19 -14.54 42.22 -27.71
N THR A 20 -13.49 43.03 -27.82
CA THR A 20 -12.69 43.15 -29.03
C THR A 20 -11.36 43.70 -28.61
N ILE A 21 -10.47 43.92 -29.58
CA ILE A 21 -9.20 44.56 -29.29
C ILE A 21 -9.40 46.04 -28.97
N LEU A 22 -10.13 46.72 -29.86
CA LEU A 22 -10.39 48.15 -29.73
C LEU A 22 -11.30 48.55 -28.57
N GLU A 23 -12.29 47.70 -28.27
CA GLU A 23 -13.34 48.10 -27.34
C GLU A 23 -13.61 47.00 -26.32
N ARG A 24 -13.67 47.37 -25.05
CA ARG A 24 -13.98 46.40 -24.00
C ARG A 24 -15.49 46.18 -23.93
N ASN A 25 -15.99 45.57 -22.86
CA ASN A 25 -17.30 44.90 -22.90
C ASN A 25 -18.36 45.72 -23.64
N VAL A 26 -18.97 45.08 -24.65
CA VAL A 26 -19.81 45.76 -25.64
C VAL A 26 -21.09 44.97 -25.90
N THR A 27 -22.23 45.65 -25.80
CA THR A 27 -23.53 44.98 -25.91
C THR A 27 -24.00 44.94 -27.36
N VAL A 28 -24.42 43.75 -27.80
CA VAL A 28 -24.80 43.53 -29.20
C VAL A 28 -26.13 42.77 -29.27
N THR A 29 -26.77 42.82 -30.45
CA THR A 29 -28.02 42.11 -30.70
C THR A 29 -27.91 40.62 -30.39
N HIS A 30 -26.95 39.96 -31.04
CA HIS A 30 -26.84 38.51 -30.99
C HIS A 30 -25.41 37.98 -30.91
N ALA A 31 -25.25 36.85 -30.22
CA ALA A 31 -23.94 36.23 -30.08
C ALA A 31 -24.07 34.73 -29.79
N LYS A 32 -22.96 34.02 -29.99
CA LYS A 32 -22.90 32.59 -29.70
C LYS A 32 -21.81 32.33 -28.67
N ASP A 33 -22.13 31.55 -27.63
CA ASP A 33 -21.11 31.12 -26.69
C ASP A 33 -20.49 29.84 -27.26
N ILE A 34 -19.20 29.89 -27.58
CA ILE A 34 -18.52 28.73 -28.15
C ILE A 34 -17.84 27.89 -27.08
N LEU A 35 -17.93 28.33 -25.82
CA LEU A 35 -17.24 27.65 -24.72
C LEU A 35 -18.19 26.90 -23.78
N GLU A 36 -17.82 25.66 -23.44
CA GLU A 36 -18.60 24.87 -22.48
C GLU A 36 -17.94 24.87 -21.10
N LYS A 37 -18.57 25.53 -20.14
CA LYS A 37 -18.02 25.67 -18.80
C LYS A 37 -18.58 24.67 -17.76
N THR A 38 -19.49 23.80 -18.19
CA THR A 38 -20.24 22.97 -17.24
C THR A 38 -20.01 21.47 -17.36
N HIS A 39 -20.10 20.79 -16.21
CA HIS A 39 -20.01 19.33 -16.16
C HIS A 39 -20.95 18.80 -15.06
N ASN A 40 -21.41 17.56 -15.19
CA ASN A 40 -22.41 17.01 -14.25
C ASN A 40 -21.80 16.48 -12.96
N GLY A 41 -20.49 16.66 -12.80
CA GLY A 41 -19.81 16.31 -11.57
C GLY A 41 -19.81 14.81 -11.30
N LYS A 42 -20.11 14.01 -12.32
CA LYS A 42 -20.23 12.58 -12.14
C LYS A 42 -19.20 11.82 -12.98
N LEU A 43 -18.90 10.58 -12.58
CA LEU A 43 -18.14 9.68 -13.44
C LEU A 43 -19.11 8.63 -14.01
N CYS A 44 -19.07 8.45 -15.33
CA CYS A 44 -20.14 7.71 -16.01
C CYS A 44 -19.64 6.61 -16.94
N LYS A 45 -20.56 5.78 -17.42
CA LYS A 45 -20.23 4.85 -18.49
C LYS A 45 -19.90 5.68 -19.73
N LEU A 46 -19.28 5.03 -20.71
CA LEU A 46 -18.89 5.70 -21.94
C LEU A 46 -19.42 4.90 -23.13
N ASN A 47 -20.54 5.36 -23.69
CA ASN A 47 -21.24 4.62 -24.74
C ASN A 47 -21.74 3.27 -24.25
N GLY A 48 -22.31 3.25 -23.05
CA GLY A 48 -22.90 2.05 -22.50
C GLY A 48 -21.91 1.11 -21.84
N ILE A 49 -20.63 1.28 -22.15
CA ILE A 49 -19.58 0.46 -21.53
C ILE A 49 -18.99 1.22 -20.33
N PRO A 50 -19.13 0.65 -19.13
CA PRO A 50 -18.63 1.30 -17.90
C PRO A 50 -17.12 1.12 -17.74
N PRO A 51 -16.49 2.08 -17.06
CA PRO A 51 -15.04 2.03 -16.77
C PRO A 51 -14.74 0.94 -15.76
N LEU A 52 -13.47 0.57 -15.66
CA LEU A 52 -13.04 -0.34 -14.61
C LEU A 52 -12.54 0.50 -13.44
N GLU A 53 -13.21 0.40 -12.29
CA GLU A 53 -12.76 1.16 -11.13
C GLU A 53 -11.79 0.33 -10.33
N LEU A 54 -10.57 0.82 -10.17
CA LEU A 54 -9.58 0.07 -9.44
C LEU A 54 -9.77 0.25 -7.93
N GLY A 55 -10.74 1.07 -7.54
CA GLY A 55 -10.99 1.33 -6.14
C GLY A 55 -9.75 1.79 -5.40
N ASP A 56 -9.46 1.10 -4.29
CA ASP A 56 -8.31 1.43 -3.46
C ASP A 56 -7.03 0.75 -3.94
N CYS A 57 -7.13 0.03 -5.07
CA CYS A 57 -6.00 -0.73 -5.59
C CYS A 57 -5.29 -0.06 -6.76
N SER A 58 -3.97 -0.25 -6.83
CA SER A 58 -3.19 0.21 -7.96
C SER A 58 -3.25 -0.84 -9.07
N ILE A 59 -2.67 -0.51 -10.22
CA ILE A 59 -2.61 -1.44 -11.34
C ILE A 59 -1.76 -2.65 -10.96
N ALA A 60 -0.62 -2.38 -10.35
CA ALA A 60 0.23 -3.45 -9.86
C ALA A 60 -0.56 -4.36 -8.93
N GLY A 61 -1.14 -3.77 -7.88
CA GLY A 61 -1.90 -4.54 -6.92
C GLY A 61 -2.96 -5.40 -7.59
N TRP A 62 -3.49 -4.90 -8.69
CA TRP A 62 -4.55 -5.59 -9.42
C TRP A 62 -3.99 -6.80 -10.15
N LEU A 63 -3.14 -6.53 -11.15
CA LEU A 63 -2.53 -7.58 -11.96
C LEU A 63 -1.80 -8.63 -11.12
N LEU A 64 -1.13 -8.19 -10.07
CA LEU A 64 -0.35 -9.07 -9.22
C LEU A 64 -1.26 -9.92 -8.34
N GLY A 65 -2.51 -9.49 -8.19
CA GLY A 65 -3.43 -10.18 -7.30
C GLY A 65 -3.14 -9.94 -5.83
N ASN A 66 -2.97 -8.67 -5.46
CA ASN A 66 -2.93 -8.29 -4.05
C ASN A 66 -4.26 -8.75 -3.45
N PRO A 67 -4.23 -9.43 -2.31
CA PRO A 67 -5.45 -9.97 -1.71
C PRO A 67 -6.51 -8.90 -1.45
N GLU A 68 -6.08 -7.68 -1.14
CA GLU A 68 -7.01 -6.58 -0.88
C GLU A 68 -7.74 -6.15 -2.15
N CYS A 69 -7.19 -6.54 -3.30
CA CYS A 69 -7.87 -6.35 -4.57
C CYS A 69 -8.48 -7.72 -4.88
N ASP A 70 -9.78 -7.83 -4.73
CA ASP A 70 -10.42 -9.13 -4.82
C ASP A 70 -11.43 -9.17 -5.94
N ARG A 71 -12.43 -8.30 -5.85
CA ARG A 71 -13.47 -8.27 -6.85
C ARG A 71 -12.85 -8.12 -8.24
N LEU A 72 -11.61 -7.64 -8.29
CA LEU A 72 -10.90 -7.42 -9.55
C LEU A 72 -10.29 -8.71 -10.14
N LEU A 73 -10.40 -9.83 -9.41
CA LEU A 73 -9.91 -11.12 -9.89
C LEU A 73 -10.53 -11.54 -11.24
N SER A 74 -11.77 -11.11 -11.46
CA SER A 74 -12.43 -11.33 -12.75
C SER A 74 -13.23 -10.06 -13.08
N VAL A 75 -13.05 -9.53 -14.29
CA VAL A 75 -13.67 -8.25 -14.67
C VAL A 75 -14.05 -8.21 -16.16
N PRO A 76 -15.18 -7.57 -16.48
CA PRO A 76 -15.62 -7.48 -17.87
C PRO A 76 -14.91 -6.35 -18.62
N GLU A 77 -15.18 -6.23 -19.91
CA GLU A 77 -14.58 -5.18 -20.74
C GLU A 77 -14.92 -3.80 -20.18
N TRP A 78 -14.03 -2.85 -20.40
CA TRP A 78 -14.19 -1.50 -19.87
C TRP A 78 -13.88 -0.46 -20.93
N SER A 79 -14.49 0.71 -20.79
CA SER A 79 -14.23 1.85 -21.65
C SER A 79 -12.96 2.61 -21.24
N TYR A 80 -12.62 2.51 -19.94
CA TYR A 80 -11.44 3.19 -19.38
C TYR A 80 -11.21 2.79 -17.92
N ILE A 81 -10.10 3.26 -17.34
CA ILE A 81 -9.72 2.83 -16.01
C ILE A 81 -9.60 3.99 -15.03
N MET A 82 -10.30 3.86 -13.93
CA MET A 82 -10.31 4.87 -12.89
C MET A 82 -9.42 4.41 -11.75
N GLU A 83 -8.32 5.13 -11.53
CA GLU A 83 -7.39 4.80 -10.45
C GLU A 83 -7.15 6.04 -9.60
N LYS A 84 -6.89 5.88 -8.30
CA LYS A 84 -6.70 7.06 -7.45
C LYS A 84 -5.31 7.65 -7.63
N GLU A 85 -5.09 8.80 -6.99
CA GLU A 85 -3.80 9.46 -7.13
C GLU A 85 -2.75 8.62 -6.42
N ASN A 86 -3.02 8.33 -5.15
CA ASN A 86 -2.11 7.52 -4.35
C ASN A 86 -2.86 6.34 -3.73
N PRO A 87 -3.19 5.33 -4.56
CA PRO A 87 -3.97 4.18 -4.12
C PRO A 87 -3.31 3.45 -2.95
N ARG A 88 -4.13 2.91 -2.05
CA ARG A 88 -3.65 2.27 -0.84
C ARG A 88 -3.01 0.90 -1.09
N ASP A 89 -3.68 0.05 -1.86
CA ASP A 89 -3.23 -1.35 -2.01
C ASP A 89 -2.49 -1.70 -3.30
N GLY A 90 -1.16 -1.69 -3.22
CA GLY A 90 -0.33 -2.13 -4.32
C GLY A 90 0.48 -3.37 -4.00
N LEU A 91 1.77 -3.19 -3.69
CA LEU A 91 2.63 -4.32 -3.36
C LEU A 91 2.60 -4.52 -1.86
N CYS A 92 1.94 -5.58 -1.40
CA CYS A 92 1.82 -5.85 0.03
C CYS A 92 3.17 -6.28 0.56
N TYR A 93 3.80 -7.23 -0.13
CA TYR A 93 5.20 -7.50 0.14
C TYR A 93 5.99 -6.39 -0.56
N PRO A 94 6.83 -5.69 0.19
CA PRO A 94 7.53 -4.54 -0.41
C PRO A 94 8.36 -4.99 -1.62
N GLY A 95 8.57 -4.07 -2.55
CA GLY A 95 9.34 -4.40 -3.73
C GLY A 95 9.35 -3.33 -4.80
N SER A 96 9.63 -3.78 -6.02
CA SER A 96 9.76 -2.90 -7.17
C SER A 96 9.05 -3.57 -8.34
N PHE A 97 8.65 -2.77 -9.32
CA PHE A 97 8.00 -3.28 -10.53
C PHE A 97 8.65 -2.62 -11.74
N ASN A 98 9.24 -3.42 -12.62
CA ASN A 98 10.05 -2.88 -13.70
C ASN A 98 9.26 -2.40 -14.92
N ASP A 99 9.55 -1.18 -15.35
CA ASP A 99 8.90 -0.57 -16.50
C ASP A 99 7.40 -0.42 -16.26
N TYR A 100 7.06 -0.05 -15.02
CA TYR A 100 5.67 0.06 -14.61
C TYR A 100 4.89 1.02 -15.51
N GLU A 101 5.42 2.22 -15.67
CA GLU A 101 4.76 3.24 -16.49
C GLU A 101 4.60 2.80 -17.94
N GLU A 102 5.61 2.14 -18.51
CA GLU A 102 5.51 1.68 -19.89
C GLU A 102 4.36 0.69 -20.01
N LEU A 103 4.19 -0.12 -18.97
CA LEU A 103 3.12 -1.09 -18.88
C LEU A 103 1.75 -0.42 -18.81
N LYS A 104 1.63 0.60 -17.97
CA LYS A 104 0.36 1.31 -17.81
C LYS A 104 -0.03 1.98 -19.14
N HIS A 105 0.96 2.58 -19.80
CA HIS A 105 0.73 3.15 -21.12
C HIS A 105 0.28 2.08 -22.11
N LEU A 106 0.90 0.91 -22.02
CA LEU A 106 0.47 -0.22 -22.84
C LEU A 106 -1.01 -0.49 -22.60
N LEU A 107 -1.41 -0.38 -21.32
CA LEU A 107 -2.79 -0.62 -20.95
C LEU A 107 -3.75 0.44 -21.49
N SER A 108 -3.25 1.65 -21.75
CA SER A 108 -4.10 2.69 -22.33
C SER A 108 -4.75 2.25 -23.65
N SER A 109 -4.12 1.29 -24.32
CA SER A 109 -4.63 0.71 -25.56
C SER A 109 -5.41 -0.60 -25.35
N VAL A 110 -5.66 -0.97 -24.09
CA VAL A 110 -6.32 -2.25 -23.81
C VAL A 110 -7.70 -2.12 -23.14
N LYS A 111 -8.69 -2.83 -23.69
CA LYS A 111 -10.06 -2.74 -23.17
C LYS A 111 -10.56 -3.96 -22.39
N HIS A 112 -9.92 -5.12 -22.58
CA HIS A 112 -10.36 -6.32 -21.87
C HIS A 112 -9.23 -7.34 -21.73
N PHE A 113 -9.35 -8.19 -20.71
CA PHE A 113 -8.39 -9.27 -20.48
C PHE A 113 -9.14 -10.58 -20.28
N GLU A 114 -8.60 -11.67 -20.81
CA GLU A 114 -9.05 -13.01 -20.43
C GLU A 114 -7.92 -13.60 -19.59
N LYS A 115 -8.21 -13.97 -18.34
CA LYS A 115 -7.14 -14.49 -17.48
C LYS A 115 -6.96 -15.99 -17.65
N VAL A 116 -5.81 -16.38 -18.19
CA VAL A 116 -5.52 -17.78 -18.49
C VAL A 116 -4.68 -18.43 -17.39
N LYS A 117 -4.97 -19.69 -17.08
CA LYS A 117 -4.12 -20.43 -16.17
C LYS A 117 -3.09 -21.17 -17.02
N ILE A 118 -1.85 -20.71 -16.93
CA ILE A 118 -0.74 -21.22 -17.74
C ILE A 118 0.05 -22.22 -16.93
N LEU A 119 0.57 -21.77 -15.79
CA LEU A 119 1.36 -22.62 -14.91
C LEU A 119 0.66 -22.79 -13.57
N PRO A 120 -0.26 -23.77 -13.51
CA PRO A 120 -1.10 -24.05 -12.32
C PRO A 120 -0.28 -24.35 -11.07
N LYS A 121 -0.67 -23.80 -9.91
CA LYS A 121 0.02 -24.04 -8.63
C LYS A 121 0.43 -25.52 -8.45
N ASP A 122 -0.55 -26.40 -8.60
CA ASP A 122 -0.38 -27.84 -8.36
C ASP A 122 0.71 -28.55 -9.19
N ARG A 123 1.20 -27.91 -10.26
CA ARG A 123 2.19 -28.56 -11.14
C ARG A 123 3.62 -28.53 -10.59
N TRP A 124 3.85 -27.91 -9.43
CA TRP A 124 5.15 -28.05 -8.81
C TRP A 124 5.06 -29.03 -7.64
N THR A 125 5.53 -30.24 -7.85
CA THR A 125 5.44 -31.27 -6.84
C THR A 125 6.67 -31.25 -5.95
N GLN A 126 7.71 -30.59 -6.44
CA GLN A 126 9.02 -30.61 -5.80
C GLN A 126 9.29 -29.41 -4.90
N HIS A 127 8.36 -28.46 -4.86
CA HIS A 127 8.55 -27.25 -4.06
C HIS A 127 7.31 -26.92 -3.24
N THR A 128 7.48 -26.02 -2.28
CA THR A 128 6.38 -25.59 -1.43
C THR A 128 5.71 -24.33 -1.99
N THR A 129 4.48 -24.50 -2.45
CA THR A 129 3.73 -23.41 -3.06
C THR A 129 2.75 -22.71 -2.08
N THR A 130 2.61 -23.26 -0.88
CA THR A 130 1.55 -22.84 0.04
C THR A 130 2.04 -21.78 1.03
N GLY A 131 3.29 -21.38 0.88
CA GLY A 131 3.87 -20.34 1.72
C GLY A 131 3.28 -18.96 1.44
N GLY A 132 3.31 -18.11 2.47
CA GLY A 132 2.81 -16.76 2.36
C GLY A 132 3.51 -15.83 3.35
N SER A 133 3.09 -14.58 3.40
CA SER A 133 3.65 -13.62 4.36
C SER A 133 2.56 -12.84 5.08
N ARG A 134 2.93 -12.22 6.20
CA ARG A 134 1.98 -11.42 6.95
C ARG A 134 1.80 -10.01 6.37
N ALA A 135 2.56 -9.67 5.33
CA ALA A 135 2.36 -8.38 4.66
C ALA A 135 1.18 -8.42 3.68
N CYS A 136 0.94 -9.62 3.14
CA CYS A 136 -0.20 -9.93 2.29
C CYS A 136 -1.35 -10.53 3.10
N ALA A 137 -1.22 -10.47 4.43
CA ALA A 137 -2.17 -11.15 5.31
C ALA A 137 -3.62 -10.80 5.02
N VAL A 138 -4.44 -11.84 4.85
CA VAL A 138 -5.90 -11.72 4.74
C VAL A 138 -6.51 -11.99 6.11
N SER A 139 -7.06 -10.95 6.73
CA SER A 139 -7.62 -11.03 8.09
C SER A 139 -6.73 -11.80 9.07
N GLY A 140 -5.54 -11.28 9.31
CA GLY A 140 -4.64 -11.84 10.30
C GLY A 140 -3.89 -13.09 9.87
N ASN A 141 -4.32 -13.72 8.78
CA ASN A 141 -3.64 -14.91 8.30
C ASN A 141 -2.73 -14.66 7.10
N PRO A 142 -1.48 -15.11 7.20
CA PRO A 142 -0.49 -14.93 6.13
C PRO A 142 -1.02 -15.39 4.79
N SER A 143 -0.83 -14.56 3.76
CA SER A 143 -1.29 -14.87 2.42
C SER A 143 -0.28 -14.35 1.39
N PHE A 144 -0.65 -14.37 0.12
CA PHE A 144 0.25 -13.93 -0.94
C PHE A 144 -0.52 -13.50 -2.18
N PHE A 145 0.18 -12.99 -3.18
CA PHE A 145 -0.46 -12.57 -4.42
C PHE A 145 -1.27 -13.71 -5.05
N ARG A 146 -2.53 -13.46 -5.36
CA ARG A 146 -3.41 -14.50 -5.88
C ARG A 146 -2.91 -14.99 -7.23
N ASN A 147 -2.23 -14.12 -7.96
CA ASN A 147 -1.75 -14.48 -9.29
C ASN A 147 -0.32 -14.99 -9.31
N MET A 148 0.30 -15.09 -8.13
CA MET A 148 1.70 -15.52 -8.06
C MET A 148 1.91 -16.77 -7.18
N VAL A 149 3.01 -17.48 -7.39
CA VAL A 149 3.40 -18.64 -6.59
C VAL A 149 4.76 -18.38 -5.98
N TRP A 150 4.85 -18.49 -4.66
CA TRP A 150 6.11 -18.27 -3.98
C TRP A 150 6.73 -19.63 -3.67
N LEU A 151 7.79 -19.96 -4.39
CA LEU A 151 8.41 -21.29 -4.27
C LEU A 151 9.44 -21.33 -3.16
N THR A 152 9.40 -22.40 -2.37
CA THR A 152 10.39 -22.63 -1.33
C THR A 152 10.79 -24.10 -1.29
N GLU A 153 11.75 -24.43 -0.44
CA GLU A 153 12.27 -25.80 -0.36
C GLU A 153 11.18 -26.77 0.07
N LYS A 154 11.20 -27.97 -0.50
CA LYS A 154 10.33 -29.05 -0.03
C LYS A 154 11.21 -30.23 0.36
N GLY A 155 11.11 -30.64 1.63
CA GLY A 155 11.95 -31.72 2.13
C GLY A 155 13.40 -31.30 2.13
N SER A 156 13.63 -30.06 2.55
CA SER A 156 14.99 -29.53 2.72
C SER A 156 15.76 -29.37 1.41
N ASN A 157 15.17 -29.76 0.28
CA ASN A 157 15.83 -29.56 -1.00
C ASN A 157 15.06 -28.59 -1.89
N TYR A 158 15.79 -27.86 -2.75
CA TYR A 158 15.15 -27.00 -3.74
C TYR A 158 15.71 -27.32 -5.11
N PRO A 159 15.14 -28.31 -5.78
CA PRO A 159 15.55 -28.76 -7.11
C PRO A 159 15.29 -27.66 -8.13
N VAL A 160 15.96 -27.74 -9.28
CA VAL A 160 15.73 -26.77 -10.35
C VAL A 160 14.25 -26.71 -10.72
N ALA A 161 13.71 -25.50 -10.77
CA ALA A 161 12.30 -25.30 -11.15
C ALA A 161 12.18 -24.91 -12.61
N LYS A 162 11.35 -25.65 -13.36
CA LYS A 162 11.18 -25.39 -14.79
C LYS A 162 9.71 -25.22 -15.17
N GLY A 163 9.43 -24.26 -16.06
CA GLY A 163 8.09 -24.12 -16.63
C GLY A 163 8.13 -23.45 -17.99
N SER A 164 7.14 -23.74 -18.83
CA SER A 164 7.12 -23.23 -20.20
C SER A 164 5.68 -23.02 -20.63
N TYR A 165 5.42 -22.01 -21.46
CA TYR A 165 4.08 -21.89 -22.03
C TYR A 165 4.12 -21.52 -23.52
N ASN A 166 3.54 -22.39 -24.34
CA ASN A 166 3.29 -22.05 -25.74
C ASN A 166 1.96 -21.28 -25.75
N ASN A 167 1.83 -20.27 -26.61
CA ASN A 167 0.64 -19.44 -26.49
C ASN A 167 -0.41 -19.87 -27.50
N THR A 168 -1.42 -20.57 -27.00
CA THR A 168 -2.54 -21.04 -27.82
C THR A 168 -3.74 -20.13 -27.66
N SER A 169 -3.61 -19.12 -26.80
CA SER A 169 -4.73 -18.24 -26.45
C SER A 169 -5.44 -17.62 -27.65
N GLY A 170 -4.68 -17.34 -28.72
CA GLY A 170 -5.24 -16.71 -29.89
C GLY A 170 -4.92 -15.23 -29.98
N GLU A 171 -4.34 -14.69 -28.91
CA GLU A 171 -3.91 -13.30 -28.89
C GLU A 171 -2.64 -13.15 -28.07
N GLN A 172 -2.10 -11.93 -28.01
CA GLN A 172 -0.92 -11.68 -27.18
C GLN A 172 -1.26 -11.80 -25.70
N MET A 173 -0.25 -12.13 -24.91
CA MET A 173 -0.45 -12.36 -23.48
C MET A 173 0.59 -11.62 -22.64
N LEU A 174 0.11 -10.89 -21.64
CA LEU A 174 0.98 -10.22 -20.69
C LEU A 174 1.37 -11.22 -19.60
N ILE A 175 2.67 -11.32 -19.31
CA ILE A 175 3.11 -12.21 -18.24
C ILE A 175 4.02 -11.49 -17.26
N ILE A 176 3.89 -11.82 -15.99
CA ILE A 176 4.68 -11.19 -14.94
C ILE A 176 5.38 -12.24 -14.08
N TRP A 177 6.59 -11.92 -13.63
CA TRP A 177 7.27 -12.81 -12.69
C TRP A 177 8.03 -11.96 -11.69
N GLY A 178 8.22 -12.48 -10.48
CA GLY A 178 9.08 -11.81 -9.52
C GLY A 178 10.40 -12.51 -9.26
N VAL A 179 11.30 -11.82 -8.57
CA VAL A 179 12.46 -12.45 -7.97
C VAL A 179 12.60 -11.89 -6.56
N HIS A 180 12.71 -12.80 -5.60
CA HIS A 180 12.82 -12.43 -4.19
C HIS A 180 14.24 -12.00 -3.83
N HIS A 181 14.33 -10.91 -3.08
CA HIS A 181 15.59 -10.35 -2.61
C HIS A 181 15.57 -10.35 -1.08
N PRO A 182 16.08 -11.44 -0.48
CA PRO A 182 16.10 -11.71 0.97
C PRO A 182 16.89 -10.65 1.75
N ASN A 183 16.59 -10.52 3.04
CA ASN A 183 17.24 -9.53 3.88
C ASN A 183 18.66 -9.95 4.27
N ASP A 184 18.86 -11.25 4.40
CA ASP A 184 20.16 -11.80 4.81
C ASP A 184 20.38 -13.21 4.27
N GLU A 185 21.64 -13.63 4.25
CA GLU A 185 22.01 -14.96 3.77
C GLU A 185 21.24 -16.05 4.52
N THR A 186 20.98 -15.80 5.81
CA THR A 186 20.16 -16.70 6.63
C THR A 186 18.84 -17.01 5.91
N GLU A 187 18.04 -15.97 5.72
CA GLU A 187 16.74 -16.07 5.05
C GLU A 187 16.88 -16.85 3.75
N GLN A 188 17.90 -16.52 2.95
CA GLN A 188 18.18 -17.23 1.70
C GLN A 188 18.26 -18.73 1.93
N ARG A 189 19.09 -19.14 2.88
CA ARG A 189 19.23 -20.56 3.22
C ARG A 189 17.94 -21.19 3.71
N THR A 190 17.26 -20.56 4.67
CA THR A 190 16.07 -21.17 5.25
C THR A 190 15.00 -21.37 4.18
N LEU A 191 14.85 -20.40 3.31
CA LEU A 191 13.84 -20.45 2.26
C LEU A 191 14.21 -21.34 1.08
N TYR A 192 15.24 -20.95 0.35
CA TYR A 192 15.60 -21.59 -0.92
C TYR A 192 16.71 -22.63 -0.81
N GLN A 193 17.16 -22.91 0.41
CA GLN A 193 18.32 -23.79 0.59
C GLN A 193 19.60 -23.24 -0.06
N ASN A 194 20.08 -23.92 -1.09
CA ASN A 194 21.33 -23.52 -1.74
C ASN A 194 21.39 -22.02 -2.10
N VAL A 195 22.56 -21.42 -1.87
CA VAL A 195 22.82 -20.03 -2.27
C VAL A 195 23.42 -19.99 -3.66
N GLY A 196 23.77 -18.80 -4.14
CA GLY A 196 24.24 -18.66 -5.50
C GLY A 196 23.17 -19.10 -6.48
N THR A 197 21.95 -18.64 -6.21
CA THR A 197 20.79 -18.97 -7.02
C THR A 197 20.70 -18.08 -8.25
N TYR A 198 19.58 -18.17 -8.95
CA TYR A 198 19.34 -17.37 -10.15
C TYR A 198 17.95 -17.63 -10.69
N VAL A 199 17.48 -16.74 -11.56
CA VAL A 199 16.17 -16.87 -12.19
C VAL A 199 16.27 -16.58 -13.68
N SER A 200 15.82 -17.52 -14.51
CA SER A 200 15.98 -17.40 -15.95
C SER A 200 14.66 -17.39 -16.69
N VAL A 201 14.43 -16.34 -17.46
CA VAL A 201 13.25 -16.22 -18.30
C VAL A 201 13.69 -15.99 -19.74
N GLY A 202 13.04 -16.66 -20.69
CA GLY A 202 13.34 -16.43 -22.10
C GLY A 202 12.20 -16.72 -23.07
N THR A 203 12.23 -16.06 -24.22
CA THR A 203 11.19 -16.20 -25.24
C THR A 203 11.81 -15.99 -26.62
N SER A 204 11.01 -15.99 -27.68
CA SER A 204 11.57 -15.72 -29.00
C SER A 204 12.43 -14.45 -28.94
N THR A 205 11.87 -13.37 -28.40
CA THR A 205 12.66 -12.23 -28.01
C THR A 205 12.61 -12.04 -26.51
N LEU A 206 13.68 -12.44 -25.82
CA LEU A 206 13.92 -11.98 -24.46
C LEU A 206 15.08 -12.76 -23.89
N ASN A 207 15.82 -12.17 -22.98
CA ASN A 207 16.69 -13.00 -22.16
C ASN A 207 16.88 -12.37 -20.80
N LYS A 208 16.67 -13.12 -19.73
CA LYS A 208 17.10 -12.62 -18.45
C LYS A 208 17.56 -13.76 -17.55
N ARG A 209 18.76 -13.61 -17.01
CA ARG A 209 19.17 -14.42 -15.88
C ARG A 209 19.48 -13.42 -14.80
N SER A 210 18.62 -13.35 -13.79
CA SER A 210 18.78 -12.38 -12.75
C SER A 210 19.29 -13.09 -11.51
N THR A 211 20.11 -12.41 -10.73
CA THR A 211 20.58 -13.00 -9.50
C THR A 211 20.03 -12.16 -8.35
N PRO A 212 19.75 -12.82 -7.22
CA PRO A 212 19.12 -12.23 -6.05
C PRO A 212 20.05 -11.33 -5.23
N GLU A 213 20.06 -10.04 -5.57
CA GLU A 213 20.77 -9.03 -4.79
C GLU A 213 20.30 -9.04 -3.33
N ILE A 214 21.23 -9.24 -2.40
CA ILE A 214 20.91 -9.28 -0.97
C ILE A 214 21.44 -8.07 -0.21
N ALA A 215 20.55 -7.40 0.50
CA ALA A 215 20.93 -6.24 1.31
C ALA A 215 20.05 -6.15 2.55
N THR A 216 20.64 -5.74 3.66
CA THR A 216 19.83 -5.47 4.84
C THR A 216 19.15 -4.13 4.61
N ARG A 217 17.82 -4.15 4.64
CA ARG A 217 17.02 -2.96 4.38
C ARG A 217 16.14 -2.69 5.57
N PRO A 218 15.65 -1.44 5.70
CA PRO A 218 14.70 -1.06 6.74
C PRO A 218 13.43 -1.90 6.63
N LYS A 219 12.82 -2.24 7.76
CA LYS A 219 11.58 -2.99 7.72
C LYS A 219 10.51 -2.17 6.98
N VAL A 220 9.86 -2.78 6.00
CA VAL A 220 8.72 -2.18 5.31
C VAL A 220 7.58 -3.19 5.26
N ASN A 221 6.46 -2.86 5.90
CA ASN A 221 5.43 -3.87 6.15
C ASN A 221 6.01 -4.99 7.00
N GLY A 222 6.87 -4.60 7.93
CA GLY A 222 7.59 -5.55 8.76
C GLY A 222 8.44 -6.49 7.93
N GLN A 223 8.88 -6.00 6.77
CA GLN A 223 9.61 -6.85 5.84
C GLN A 223 10.89 -6.20 5.32
N GLY A 224 12.02 -6.86 5.56
CA GLY A 224 13.30 -6.37 5.10
C GLY A 224 13.62 -6.85 3.71
N GLY A 225 13.02 -7.97 3.30
CA GLY A 225 13.19 -8.49 1.96
C GLY A 225 12.40 -7.67 0.96
N ARG A 226 12.59 -7.95 -0.33
CA ARG A 226 11.91 -7.21 -1.38
C ARG A 226 11.56 -8.15 -2.50
N MET A 227 10.64 -7.74 -3.37
CA MET A 227 10.36 -8.56 -4.54
C MET A 227 10.37 -7.70 -5.79
N GLU A 228 11.27 -8.02 -6.73
CA GLU A 228 11.37 -7.24 -7.95
C GLU A 228 10.61 -7.96 -9.05
N PHE A 229 9.55 -7.32 -9.54
CA PHE A 229 8.72 -7.93 -10.58
C PHE A 229 9.06 -7.37 -11.94
N SER A 230 8.93 -8.21 -12.96
CA SER A 230 9.14 -7.81 -14.33
C SER A 230 8.00 -8.39 -15.16
N TRP A 231 7.77 -7.82 -16.34
CA TRP A 231 6.70 -8.29 -17.20
C TRP A 231 7.18 -8.35 -18.64
N THR A 232 6.41 -9.04 -19.48
CA THR A 232 6.67 -9.04 -20.91
C THR A 232 5.40 -9.35 -21.70
N LEU A 233 5.41 -9.03 -22.99
CA LEU A 233 4.32 -9.38 -23.88
C LEU A 233 4.70 -10.61 -24.69
N LEU A 234 4.02 -11.74 -24.46
CA LEU A 234 4.33 -12.99 -25.15
C LEU A 234 3.51 -13.11 -26.43
N ASP A 235 4.21 -13.10 -27.57
CA ASP A 235 3.52 -13.08 -28.85
C ASP A 235 2.70 -14.35 -29.08
N MET A 236 1.70 -14.26 -29.95
CA MET A 236 0.90 -15.43 -30.31
C MET A 236 1.82 -16.51 -30.89
N TRP A 237 1.62 -17.75 -30.44
CA TRP A 237 2.39 -18.89 -30.95
C TRP A 237 3.84 -18.94 -30.44
N ASP A 238 4.26 -17.94 -29.67
CA ASP A 238 5.59 -18.01 -29.06
C ASP A 238 5.57 -18.74 -27.69
N THR A 239 6.76 -18.93 -27.11
CA THR A 239 6.90 -19.80 -25.94
C THR A 239 7.74 -19.13 -24.84
N ILE A 240 7.25 -19.19 -23.61
CA ILE A 240 7.98 -18.61 -22.47
C ILE A 240 8.62 -19.69 -21.60
N ASN A 241 9.89 -19.48 -21.23
CA ASN A 241 10.63 -20.43 -20.40
C ASN A 241 11.17 -19.84 -19.10
N PHE A 242 10.76 -20.42 -17.98
CA PHE A 242 11.36 -20.14 -16.68
C PHE A 242 12.16 -21.33 -16.22
N GLU A 243 13.34 -21.08 -15.67
CA GLU A 243 14.00 -22.08 -14.84
C GLU A 243 14.78 -21.33 -13.77
N SER A 244 14.74 -21.83 -12.54
CA SER A 244 15.43 -21.13 -11.46
C SER A 244 15.89 -22.10 -10.37
N THR A 245 16.98 -21.77 -9.67
CA THR A 245 17.37 -22.55 -8.50
C THR A 245 16.88 -21.93 -7.19
N GLY A 246 16.15 -20.82 -7.29
CA GLY A 246 15.57 -20.16 -6.12
C GLY A 246 15.12 -18.73 -6.34
N ASN A 247 14.45 -18.16 -5.33
CA ASN A 247 14.04 -16.76 -5.33
C ASN A 247 13.11 -16.40 -6.48
N LEU A 248 12.47 -17.40 -7.06
CA LEU A 248 11.57 -17.19 -8.18
C LEU A 248 10.15 -17.03 -7.67
N ILE A 249 9.50 -15.93 -8.05
CA ILE A 249 8.08 -15.77 -7.83
C ILE A 249 7.42 -16.02 -9.18
N ALA A 250 6.68 -17.11 -9.29
CA ALA A 250 6.13 -17.52 -10.59
C ALA A 250 4.71 -17.01 -10.87
N PRO A 251 4.40 -16.77 -12.14
CA PRO A 251 3.01 -16.54 -12.55
C PRO A 251 2.23 -17.84 -12.49
N GLU A 252 1.03 -17.85 -11.92
CA GLU A 252 0.15 -19.00 -12.12
C GLU A 252 -0.72 -18.68 -13.33
N TYR A 253 -0.64 -17.42 -13.76
CA TYR A 253 -1.55 -16.88 -14.75
C TYR A 253 -0.88 -15.95 -15.74
N GLY A 254 -1.60 -15.67 -16.82
CA GLY A 254 -1.18 -14.66 -17.77
C GLY A 254 -2.44 -13.99 -18.31
N PHE A 255 -2.30 -12.79 -18.85
CA PHE A 255 -3.46 -12.07 -19.31
C PHE A 255 -3.45 -11.99 -20.82
N LYS A 256 -4.42 -12.69 -21.42
CA LYS A 256 -4.64 -12.61 -22.85
C LYS A 256 -5.39 -11.31 -23.13
N ILE A 257 -4.96 -10.62 -24.18
CA ILE A 257 -5.63 -9.39 -24.56
C ILE A 257 -6.85 -9.73 -25.41
N SER A 258 -8.03 -9.37 -24.91
CA SER A 258 -9.28 -9.70 -25.59
C SER A 258 -9.70 -8.59 -26.53
N LYS A 259 -10.02 -7.43 -25.96
CA LYS A 259 -10.47 -6.28 -26.76
C LYS A 259 -9.39 -5.18 -26.77
N ARG A 260 -9.23 -4.51 -27.91
CA ARG A 260 -8.18 -3.52 -28.12
C ARG A 260 -8.79 -2.21 -28.62
N GLY A 261 -8.21 -1.06 -28.30
CA GLY A 261 -8.89 0.19 -28.60
C GLY A 261 -8.47 1.42 -27.82
N SER A 262 -8.67 2.57 -28.45
CA SER A 262 -8.41 3.86 -27.83
C SER A 262 -9.13 3.87 -26.50
N SER A 263 -8.40 4.21 -25.45
CA SER A 263 -8.87 4.06 -24.07
C SER A 263 -7.91 4.91 -23.25
N GLY A 264 -7.94 4.77 -21.92
CA GLY A 264 -6.92 5.40 -21.10
C GLY A 264 -7.05 5.06 -19.63
N ILE A 265 -6.13 5.60 -18.83
CA ILE A 265 -6.22 5.46 -17.38
C ILE A 265 -6.49 6.84 -16.80
N MET A 266 -7.61 7.00 -16.12
CA MET A 266 -8.01 8.31 -15.60
C MET A 266 -7.72 8.39 -14.12
N LYS A 267 -6.96 9.40 -13.70
CA LYS A 267 -6.69 9.57 -12.29
C LYS A 267 -7.77 10.44 -11.64
N THR A 268 -8.55 9.84 -10.75
CA THR A 268 -9.61 10.56 -10.06
C THR A 268 -9.90 9.96 -8.69
N GLU A 269 -10.42 10.79 -7.79
CA GLU A 269 -10.82 10.33 -6.47
C GLU A 269 -12.30 9.99 -6.49
N GLY A 270 -12.94 10.18 -7.64
CA GLY A 270 -14.39 10.03 -7.78
C GLY A 270 -14.88 8.61 -8.03
N THR A 271 -16.21 8.43 -8.02
CA THR A 271 -16.82 7.10 -8.08
C THR A 271 -17.78 6.94 -9.26
N LEU A 272 -18.10 5.69 -9.62
CA LEU A 272 -18.97 5.42 -10.76
C LEU A 272 -20.46 5.55 -10.44
N GLU A 273 -21.15 6.44 -11.18
CA GLU A 273 -22.60 6.62 -11.02
C GLU A 273 -23.35 5.90 -12.15
N ASN A 274 -24.68 6.04 -12.16
CA ASN A 274 -25.50 5.39 -13.18
C ASN A 274 -25.65 6.22 -14.47
N CYS A 275 -24.98 7.36 -14.51
CA CYS A 275 -24.99 8.23 -15.70
C CYS A 275 -24.23 7.63 -16.89
N GLU A 276 -24.57 8.11 -18.09
CA GLU A 276 -23.82 7.77 -19.30
C GLU A 276 -23.39 9.04 -20.04
N THR A 277 -22.25 8.97 -20.74
CA THR A 277 -21.74 10.14 -21.45
C THR A 277 -20.86 9.76 -22.64
N LYS A 278 -20.77 10.68 -23.61
CA LYS A 278 -19.84 10.50 -24.73
C LYS A 278 -18.49 11.16 -24.46
N CYS A 279 -18.41 11.98 -23.41
CA CYS A 279 -17.16 12.62 -23.02
C CYS A 279 -17.01 12.64 -21.51
N GLN A 280 -15.83 12.27 -21.01
CA GLN A 280 -15.63 12.21 -19.58
C GLN A 280 -14.35 12.92 -19.14
N THR A 281 -14.43 13.62 -18.02
CA THR A 281 -13.27 14.20 -17.36
C THR A 281 -13.28 13.76 -15.92
N PRO A 282 -12.11 13.74 -15.27
CA PRO A 282 -12.00 13.36 -13.85
C PRO A 282 -12.93 14.18 -12.94
N LEU A 283 -13.26 15.41 -13.33
CA LEU A 283 -14.16 16.25 -12.53
C LEU A 283 -15.65 15.98 -12.77
N GLY A 284 -15.96 15.37 -13.91
CA GLY A 284 -17.35 15.09 -14.27
C GLY A 284 -17.49 14.88 -15.77
N ALA A 285 -18.71 14.57 -16.21
CA ALA A 285 -18.93 14.30 -17.63
C ALA A 285 -19.39 15.55 -18.37
N ILE A 286 -19.54 15.45 -19.68
CA ILE A 286 -19.91 16.58 -20.51
C ILE A 286 -20.94 16.22 -21.57
N ASN A 287 -22.00 17.03 -21.64
CA ASN A 287 -22.95 16.94 -22.73
C ASN A 287 -22.97 18.32 -23.39
N THR A 288 -22.42 18.41 -24.60
CA THR A 288 -22.28 19.72 -25.22
C THR A 288 -22.28 19.67 -26.76
N THR A 289 -22.89 20.67 -27.37
CA THR A 289 -22.77 20.87 -28.82
C THR A 289 -21.65 21.86 -29.15
N LEU A 290 -21.15 22.56 -28.12
CA LEU A 290 -20.16 23.62 -28.30
C LEU A 290 -18.77 23.04 -28.49
N PRO A 291 -17.99 23.61 -29.41
CA PRO A 291 -16.71 22.99 -29.76
C PRO A 291 -15.56 23.44 -28.87
N PHE A 292 -15.76 23.47 -27.55
CA PHE A 292 -14.72 23.93 -26.64
C PHE A 292 -15.14 23.77 -25.19
N HIS A 293 -14.15 23.66 -24.32
CA HIS A 293 -14.40 23.63 -22.88
C HIS A 293 -13.19 24.10 -22.08
N ASN A 294 -13.49 24.74 -20.95
CA ASN A 294 -12.49 25.18 -19.99
C ASN A 294 -12.34 24.23 -18.80
N VAL A 295 -13.02 23.09 -18.87
CA VAL A 295 -13.25 22.22 -17.70
C VAL A 295 -12.00 21.50 -17.19
N HIS A 296 -11.52 20.55 -17.97
CA HIS A 296 -10.31 19.82 -17.61
C HIS A 296 -9.50 19.45 -18.84
N PRO A 297 -8.16 19.50 -18.72
CA PRO A 297 -7.28 19.18 -19.84
C PRO A 297 -7.33 17.70 -20.25
N LEU A 298 -7.51 16.79 -19.29
CA LEU A 298 -7.42 15.36 -19.59
C LEU A 298 -8.78 14.68 -19.71
N THR A 299 -9.16 14.33 -20.93
CA THR A 299 -10.50 13.80 -21.22
C THR A 299 -10.49 12.44 -21.91
N ILE A 300 -11.63 11.75 -21.91
CA ILE A 300 -11.80 10.50 -22.66
C ILE A 300 -13.15 10.45 -23.37
N GLY A 301 -13.08 10.36 -24.71
CA GLY A 301 -14.28 10.21 -25.52
C GLY A 301 -14.14 10.96 -26.83
N GLU A 302 -15.27 11.17 -27.48
CA GLU A 302 -15.30 12.13 -28.57
C GLU A 302 -15.63 13.44 -27.85
N CYS A 303 -14.65 14.35 -27.78
CA CYS A 303 -14.79 15.54 -26.93
C CYS A 303 -14.54 16.86 -27.66
N PRO A 304 -15.10 17.96 -27.12
CA PRO A 304 -14.79 19.32 -27.58
C PRO A 304 -13.37 19.70 -27.16
N LYS A 305 -12.78 20.70 -27.81
CA LYS A 305 -11.38 21.01 -27.57
C LYS A 305 -11.17 21.84 -26.30
N TYR A 306 -10.13 21.51 -25.55
CA TYR A 306 -9.85 22.17 -24.27
C TYR A 306 -9.04 23.45 -24.43
N VAL A 307 -9.41 24.48 -23.66
CA VAL A 307 -8.65 25.72 -23.59
C VAL A 307 -8.70 26.28 -22.18
N LYS A 308 -7.85 27.27 -21.89
CA LYS A 308 -7.81 27.87 -20.55
C LYS A 308 -8.68 29.12 -20.41
N SER A 309 -9.42 29.44 -21.47
CA SER A 309 -10.24 30.65 -21.48
C SER A 309 -11.34 30.62 -20.43
N GLU A 310 -11.74 31.81 -19.99
CA GLU A 310 -12.92 31.97 -19.14
C GLU A 310 -14.11 32.16 -20.05
N LYS A 311 -14.05 33.21 -20.85
CA LYS A 311 -15.09 33.53 -21.80
C LYS A 311 -14.62 33.38 -23.24
N LEU A 312 -15.45 32.73 -24.06
CA LEU A 312 -15.32 32.80 -25.51
C LEU A 312 -16.67 33.18 -26.11
N VAL A 313 -16.75 34.37 -26.70
CA VAL A 313 -18.02 34.91 -27.16
C VAL A 313 -17.94 35.41 -28.60
N LEU A 314 -18.75 34.82 -29.49
CA LEU A 314 -18.73 35.22 -30.89
C LEU A 314 -19.84 36.21 -31.22
N ALA A 315 -19.45 37.37 -31.72
CA ALA A 315 -20.42 38.35 -32.18
C ALA A 315 -21.05 37.78 -33.44
N THR A 316 -22.38 37.74 -33.46
CA THR A 316 -23.08 37.31 -34.66
C THR A 316 -23.78 38.54 -35.25
N GLY A 317 -24.70 39.13 -34.49
CA GLY A 317 -25.39 40.34 -34.92
C GLY A 317 -24.54 41.60 -34.78
N LEU A 318 -25.19 42.76 -34.80
CA LEU A 318 -24.49 44.04 -34.67
C LEU A 318 -24.57 44.66 -33.28
N ARG A 319 -23.98 45.84 -33.15
CA ARG A 319 -24.00 46.55 -31.87
C ARG A 319 -25.41 46.99 -31.53
N ASN A 320 -25.70 47.06 -30.23
CA ASN A 320 -26.99 47.54 -29.81
C ASN A 320 -26.93 49.03 -29.49
N VAL A 321 -27.60 49.83 -30.31
CA VAL A 321 -27.77 51.22 -29.98
C VAL A 321 -29.20 51.41 -29.50
N PRO A 322 -29.37 51.93 -28.27
CA PRO A 322 -30.72 52.18 -27.77
C PRO A 322 -31.46 53.16 -28.69
N GLN A 323 -32.71 52.87 -29.00
CA GLN A 323 -33.49 53.77 -29.85
C GLN A 323 -33.66 55.08 -29.11
N ILE A 324 -33.28 56.18 -29.75
CA ILE A 324 -33.27 57.49 -29.09
C ILE A 324 -34.25 58.48 -29.73
N GLY B 1 -19.32 54.07 -35.58
CA GLY B 1 -18.49 52.90 -35.80
C GLY B 1 -17.31 53.23 -36.69
N LEU B 2 -16.81 52.25 -37.43
CA LEU B 2 -15.67 52.46 -38.31
C LEU B 2 -16.07 53.11 -39.64
N PHE B 3 -17.26 52.75 -40.11
CA PHE B 3 -17.86 53.35 -41.30
C PHE B 3 -18.86 54.46 -40.94
N GLY B 4 -18.97 54.75 -39.65
CA GLY B 4 -19.70 55.91 -39.19
C GLY B 4 -21.22 55.87 -39.25
N ALA B 5 -21.78 54.75 -39.68
CA ALA B 5 -23.24 54.65 -39.75
C ALA B 5 -23.88 54.48 -38.37
N ILE B 6 -23.36 53.53 -37.58
CA ILE B 6 -23.91 53.19 -36.27
C ILE B 6 -23.26 53.95 -35.13
N ALA B 7 -24.07 54.57 -34.29
CA ALA B 7 -23.57 55.56 -33.35
C ALA B 7 -22.84 56.66 -34.12
N GLY B 8 -23.10 56.72 -35.43
CA GLY B 8 -22.78 57.86 -36.26
C GLY B 8 -24.14 58.51 -36.45
N PHE B 9 -24.40 59.11 -37.60
CA PHE B 9 -25.71 59.74 -37.82
C PHE B 9 -26.95 58.90 -37.46
N ILE B 10 -27.00 57.63 -37.83
CA ILE B 10 -28.22 56.86 -37.55
C ILE B 10 -28.53 56.86 -36.04
N GLU B 11 -27.49 56.98 -35.22
CA GLU B 11 -27.65 57.32 -33.79
C GLU B 11 -28.38 56.28 -32.91
N GLY B 12 -29.00 55.30 -33.53
CA GLY B 12 -29.70 54.28 -32.78
C GLY B 12 -30.40 53.37 -33.76
N GLY B 13 -31.22 52.45 -33.28
CA GLY B 13 -31.80 51.46 -34.17
C GLY B 13 -33.23 51.15 -33.78
N TRP B 14 -33.94 50.48 -34.66
CA TRP B 14 -35.39 50.39 -34.54
C TRP B 14 -35.87 49.04 -34.03
N GLN B 15 -36.38 49.02 -32.80
CA GLN B 15 -36.96 47.81 -32.23
C GLN B 15 -38.14 47.36 -33.10
N GLY B 16 -38.64 48.27 -33.92
CA GLY B 16 -39.81 48.01 -34.74
C GLY B 16 -39.56 47.27 -36.04
N MET B 17 -38.31 46.86 -36.29
CA MET B 17 -38.06 45.97 -37.41
C MET B 17 -37.56 44.60 -36.96
N VAL B 18 -38.42 43.59 -37.04
CA VAL B 18 -38.02 42.21 -36.72
C VAL B 18 -37.72 41.43 -38.01
N ASP B 19 -37.97 42.09 -39.14
CA ASP B 19 -37.94 41.46 -40.46
C ASP B 19 -36.53 41.03 -40.88
N GLY B 20 -35.53 41.70 -40.33
CA GLY B 20 -34.14 41.31 -40.54
C GLY B 20 -33.25 42.30 -39.85
N TRP B 21 -31.98 42.36 -40.27
CA TRP B 21 -31.02 43.22 -39.59
C TRP B 21 -31.14 44.72 -39.84
N TYR B 22 -31.21 45.14 -41.10
CA TYR B 22 -31.35 46.57 -41.43
C TYR B 22 -32.31 46.82 -42.58
N GLY B 23 -32.80 48.05 -42.68
CA GLY B 23 -33.87 48.37 -43.61
C GLY B 23 -34.43 49.76 -43.42
N TYR B 24 -35.68 49.95 -43.83
CA TYR B 24 -36.30 51.29 -43.83
C TYR B 24 -37.69 51.34 -43.22
N HIS B 25 -38.15 52.56 -43.01
CA HIS B 25 -39.56 52.86 -42.79
C HIS B 25 -39.79 54.26 -43.37
N HIS B 26 -40.99 54.52 -43.85
CA HIS B 26 -41.23 55.72 -44.63
C HIS B 26 -42.47 56.44 -44.12
N SER B 27 -42.62 57.68 -44.54
CA SER B 27 -43.86 58.37 -44.30
C SER B 27 -44.49 58.67 -45.65
N ASN B 28 -45.54 57.95 -45.98
CA ASN B 28 -46.31 58.25 -47.16
C ASN B 28 -47.66 58.66 -46.63
N ASP B 29 -48.28 59.66 -47.22
CA ASP B 29 -49.61 60.00 -46.74
C ASP B 29 -50.44 58.76 -47.04
N GLN B 30 -50.02 58.07 -48.08
CA GLN B 30 -50.58 56.79 -48.46
C GLN B 30 -50.49 55.79 -47.32
N GLY B 31 -49.33 55.73 -46.66
CA GLY B 31 -49.10 54.81 -45.55
C GLY B 31 -47.67 54.89 -45.02
N SER B 32 -47.45 54.32 -43.85
CA SER B 32 -46.11 54.33 -43.22
C SER B 32 -45.85 53.02 -42.46
N GLY B 33 -44.60 52.54 -42.46
CA GLY B 33 -44.22 51.35 -41.72
C GLY B 33 -42.82 50.77 -41.95
N TYR B 34 -42.41 49.85 -41.07
CA TYR B 34 -41.08 49.24 -41.12
C TYR B 34 -41.04 48.06 -42.07
N ALA B 35 -40.16 48.12 -43.07
CA ALA B 35 -39.86 46.99 -43.96
C ALA B 35 -38.34 46.91 -44.11
N ALA B 36 -37.74 45.73 -43.91
CA ALA B 36 -36.27 45.60 -43.97
C ALA B 36 -35.71 44.88 -45.22
N ASP B 37 -34.56 45.36 -45.70
CA ASP B 37 -33.95 44.87 -46.95
C ASP B 37 -33.66 43.37 -47.01
N LYS B 38 -34.22 42.73 -48.05
CA LYS B 38 -34.04 41.31 -48.34
C LYS B 38 -32.59 40.93 -48.70
N GLU B 39 -32.08 41.58 -49.75
CA GLU B 39 -30.77 41.27 -50.31
C GLU B 39 -29.58 41.54 -49.39
N SER B 40 -29.53 42.74 -48.81
CA SER B 40 -28.42 43.08 -47.91
C SER B 40 -28.40 42.16 -46.69
N THR B 41 -29.50 42.12 -45.95
CA THR B 41 -29.66 41.24 -44.80
C THR B 41 -29.28 39.79 -45.14
N GLN B 42 -29.79 39.29 -46.26
CA GLN B 42 -29.47 37.95 -46.71
C GLN B 42 -27.95 37.78 -46.81
N LYS B 43 -27.33 38.67 -47.59
CA LYS B 43 -25.89 38.67 -47.78
C LYS B 43 -25.12 38.63 -46.47
N ALA B 44 -25.41 39.58 -45.59
CA ALA B 44 -24.73 39.67 -44.30
C ALA B 44 -24.89 38.38 -43.50
N PHE B 45 -26.12 37.86 -43.44
CA PHE B 45 -26.38 36.62 -42.73
C PHE B 45 -25.48 35.49 -43.24
N ASP B 46 -25.50 35.31 -44.56
CA ASP B 46 -24.65 34.31 -45.22
C ASP B 46 -23.17 34.47 -44.85
N GLY B 47 -22.65 35.69 -45.01
CA GLY B 47 -21.27 35.99 -44.68
C GLY B 47 -20.90 35.62 -43.25
N ILE B 48 -21.76 36.01 -42.30
CA ILE B 48 -21.59 35.68 -40.88
C ILE B 48 -21.56 34.18 -40.61
N THR B 49 -22.60 33.47 -41.08
CA THR B 49 -22.61 32.01 -40.93
C THR B 49 -21.31 31.40 -41.48
N ASN B 50 -20.85 31.91 -42.62
CA ASN B 50 -19.57 31.49 -43.19
C ASN B 50 -18.39 31.79 -42.26
N LYS B 51 -18.47 32.90 -41.52
CA LYS B 51 -17.42 33.27 -40.56
C LYS B 51 -17.37 32.34 -39.34
N VAL B 52 -18.53 32.04 -38.76
CA VAL B 52 -18.59 31.13 -37.60
C VAL B 52 -18.26 29.67 -37.97
N ASN B 53 -18.79 29.19 -39.10
CA ASN B 53 -18.45 27.86 -39.60
C ASN B 53 -16.97 27.81 -40.01
N SER B 54 -16.42 28.96 -40.38
CA SER B 54 -15.00 29.06 -40.74
C SER B 54 -14.09 29.01 -39.51
N VAL B 55 -14.51 29.63 -38.41
CA VAL B 55 -13.73 29.59 -37.17
C VAL B 55 -13.86 28.26 -36.43
N ILE B 56 -15.07 27.90 -36.03
CA ILE B 56 -15.30 26.66 -35.27
C ILE B 56 -14.71 25.44 -35.96
N GLU B 57 -14.61 25.48 -37.29
CA GLU B 57 -14.03 24.39 -38.05
C GLU B 57 -12.56 24.60 -38.39
N LYS B 58 -12.01 25.74 -37.99
CA LYS B 58 -10.58 25.99 -38.14
C LYS B 58 -9.83 25.39 -36.94
N MET B 59 -10.59 25.05 -35.90
CA MET B 59 -10.14 24.02 -34.97
C MET B 59 -11.09 22.85 -35.12
N ASN B 60 -10.63 21.83 -35.82
CA ASN B 60 -11.32 20.57 -35.99
C ASN B 60 -10.24 19.60 -35.57
N THR B 61 -9.15 19.64 -36.31
CA THR B 61 -7.87 19.23 -35.77
C THR B 61 -7.48 20.31 -34.77
N GLN B 62 -6.95 19.90 -33.62
CA GLN B 62 -6.26 20.83 -32.74
C GLN B 62 -5.83 20.03 -31.52
N PHE B 63 -4.80 20.51 -30.84
CA PHE B 63 -4.06 19.66 -29.90
C PHE B 63 -4.89 19.10 -28.77
N GLU B 64 -4.79 17.78 -28.57
CA GLU B 64 -5.47 17.12 -27.45
C GLU B 64 -4.49 16.26 -26.63
N ALA B 65 -4.42 16.52 -25.33
CA ALA B 65 -3.40 15.90 -24.47
C ALA B 65 -3.93 14.80 -23.57
N VAL B 66 -3.42 13.59 -23.74
CA VAL B 66 -3.88 12.46 -22.92
C VAL B 66 -2.78 11.76 -22.11
N GLY B 67 -2.80 11.93 -20.79
CA GLY B 67 -2.16 11.02 -19.84
C GLY B 67 -0.65 11.01 -19.85
N LYS B 68 -0.04 10.57 -18.75
CA LYS B 68 1.27 9.91 -18.75
C LYS B 68 1.79 9.84 -17.34
N GLU B 69 2.69 8.90 -17.09
CA GLU B 69 3.19 8.69 -15.75
C GLU B 69 4.68 8.45 -15.90
N PHE B 70 5.47 8.92 -14.95
CA PHE B 70 6.92 8.74 -15.05
C PHE B 70 7.46 8.35 -13.71
N SER B 71 8.59 7.66 -13.70
CA SER B 71 9.23 7.29 -12.44
C SER B 71 9.91 8.54 -11.87
N ASN B 72 10.47 8.41 -10.67
CA ASN B 72 11.14 9.53 -10.03
C ASN B 72 12.58 9.68 -10.50
N LEU B 73 13.02 8.75 -11.35
CA LEU B 73 14.27 8.92 -12.10
C LEU B 73 13.99 9.41 -13.52
N GLU B 74 12.72 9.61 -13.83
CA GLU B 74 12.26 10.14 -15.10
C GLU B 74 11.97 11.64 -15.05
N ARG B 75 12.31 12.28 -13.92
CA ARG B 75 11.89 13.66 -13.67
C ARG B 75 12.07 14.63 -14.85
N ARG B 76 13.23 14.59 -15.52
CA ARG B 76 13.43 15.46 -16.67
C ARG B 76 12.39 15.21 -17.76
N LEU B 77 12.21 13.94 -18.13
CA LEU B 77 11.22 13.55 -19.13
C LEU B 77 9.82 14.01 -18.75
N GLU B 78 9.45 13.82 -17.49
CA GLU B 78 8.19 14.35 -16.99
C GLU B 78 8.08 15.86 -17.21
N ASN B 79 9.07 16.61 -16.75
CA ASN B 79 9.03 18.06 -16.90
C ASN B 79 8.93 18.49 -18.35
N LEU B 80 9.52 17.70 -19.23
CA LEU B 80 9.50 18.01 -20.65
C LEU B 80 8.10 17.77 -21.19
N ASN B 81 7.51 16.62 -20.83
CA ASN B 81 6.14 16.34 -21.19
C ASN B 81 5.21 17.45 -20.72
N LYS B 82 5.36 17.87 -19.47
CA LYS B 82 4.54 18.92 -18.91
C LYS B 82 4.71 20.22 -19.70
N LYS B 83 5.96 20.68 -19.83
CA LYS B 83 6.23 21.91 -20.57
C LYS B 83 5.65 21.87 -21.98
N MET B 84 5.72 20.72 -22.65
CA MET B 84 5.15 20.63 -23.99
C MET B 84 3.62 20.73 -23.99
N GLU B 85 2.95 19.88 -23.24
CA GLU B 85 1.49 19.89 -23.27
C GLU B 85 0.96 21.26 -22.82
N ASP B 86 1.53 21.78 -21.74
CA ASP B 86 1.16 23.12 -21.26
C ASP B 86 1.39 24.13 -22.36
N GLY B 87 2.57 24.06 -22.98
CA GLY B 87 2.94 24.96 -24.06
C GLY B 87 1.91 25.00 -25.16
N PHE B 88 1.46 23.83 -25.60
CA PHE B 88 0.44 23.75 -26.64
C PHE B 88 -0.91 24.29 -26.17
N LEU B 89 -1.36 23.90 -24.97
CA LEU B 89 -2.59 24.48 -24.45
C LEU B 89 -2.52 26.00 -24.53
N ASP B 90 -1.44 26.57 -23.99
CA ASP B 90 -1.24 28.00 -24.08
C ASP B 90 -1.41 28.47 -25.52
N VAL B 91 -0.69 27.84 -26.43
CA VAL B 91 -0.75 28.23 -27.85
C VAL B 91 -2.17 28.24 -28.44
N TRP B 92 -2.90 27.13 -28.30
CA TRP B 92 -4.24 27.07 -28.85
C TRP B 92 -5.21 28.00 -28.15
N THR B 93 -5.03 28.18 -26.84
CA THR B 93 -5.84 29.13 -26.10
C THR B 93 -5.66 30.53 -26.66
N TYR B 94 -4.40 30.96 -26.80
CA TYR B 94 -4.11 32.24 -27.43
C TYR B 94 -4.78 32.32 -28.81
N ASN B 95 -4.48 31.36 -29.68
CA ASN B 95 -5.07 31.33 -31.03
C ASN B 95 -6.58 31.54 -31.02
N ALA B 96 -7.24 30.90 -30.06
CA ALA B 96 -8.70 30.94 -29.99
C ALA B 96 -9.15 32.33 -29.53
N GLU B 97 -8.78 32.72 -28.31
CA GLU B 97 -9.16 34.03 -27.80
C GLU B 97 -8.93 35.14 -28.84
N LEU B 98 -7.73 35.15 -29.41
CA LEU B 98 -7.36 36.17 -30.38
C LEU B 98 -8.27 36.14 -31.62
N LEU B 99 -8.38 34.97 -32.24
CA LEU B 99 -9.25 34.85 -33.41
C LEU B 99 -10.66 35.37 -33.12
N VAL B 100 -11.21 34.98 -31.97
CA VAL B 100 -12.51 35.48 -31.56
C VAL B 100 -12.52 37.01 -31.52
N LEU B 101 -11.55 37.61 -30.83
CA LEU B 101 -11.51 39.08 -30.72
C LEU B 101 -11.51 39.76 -32.09
N MET B 102 -10.57 39.35 -32.93
CA MET B 102 -10.49 39.90 -34.28
C MET B 102 -11.82 39.74 -35.01
N GLU B 103 -12.23 38.49 -35.24
CA GLU B 103 -13.46 38.24 -35.97
C GLU B 103 -14.69 39.00 -35.42
N ASN B 104 -14.71 39.21 -34.11
CA ASN B 104 -15.71 40.08 -33.50
C ASN B 104 -15.65 41.50 -34.04
N GLU B 105 -14.53 42.17 -33.77
CA GLU B 105 -14.36 43.55 -34.23
C GLU B 105 -14.66 43.69 -35.73
N ARG B 106 -14.06 42.79 -36.51
CA ARG B 106 -14.24 42.77 -37.95
C ARG B 106 -15.72 42.56 -38.32
N THR B 107 -16.43 41.78 -37.52
CA THR B 107 -17.87 41.56 -37.70
C THR B 107 -18.68 42.83 -37.50
N LEU B 108 -18.44 43.53 -36.39
CA LEU B 108 -19.15 44.78 -36.09
C LEU B 108 -18.91 45.86 -37.16
N ASP B 109 -17.63 46.12 -37.46
CA ASP B 109 -17.32 47.07 -38.51
C ASP B 109 -17.92 46.59 -39.84
N PHE B 110 -18.00 45.28 -40.00
CA PHE B 110 -18.63 44.68 -41.18
C PHE B 110 -20.08 45.16 -41.30
N HIS B 111 -20.84 45.01 -40.23
CA HIS B 111 -22.22 45.50 -40.18
C HIS B 111 -22.29 46.99 -40.52
N ASP B 112 -21.39 47.78 -39.93
CA ASP B 112 -21.27 49.20 -40.25
C ASP B 112 -21.20 49.42 -41.76
N SER B 113 -20.16 48.84 -42.38
CA SER B 113 -20.01 48.91 -43.83
C SER B 113 -21.30 48.55 -44.55
N ASN B 114 -21.93 47.45 -44.14
CA ASN B 114 -23.21 47.09 -44.76
C ASN B 114 -24.18 48.28 -44.74
N VAL B 115 -24.43 48.82 -43.55
CA VAL B 115 -25.36 49.95 -43.38
C VAL B 115 -25.00 51.17 -44.24
N LYS B 116 -23.84 51.75 -43.96
CA LYS B 116 -23.36 52.92 -44.71
C LYS B 116 -23.46 52.69 -46.22
N ASN B 117 -23.06 51.50 -46.67
CA ASN B 117 -23.13 51.16 -48.08
C ASN B 117 -24.56 51.14 -48.62
N LEU B 118 -25.48 50.51 -47.89
CA LEU B 118 -26.89 50.53 -48.27
C LEU B 118 -27.37 51.97 -48.44
N TYR B 119 -27.05 52.81 -47.46
CA TYR B 119 -27.40 54.22 -47.48
C TYR B 119 -26.89 54.90 -48.75
N ASP B 120 -25.57 54.91 -48.94
CA ASP B 120 -24.94 55.48 -50.12
C ASP B 120 -25.56 54.95 -51.41
N LYS B 121 -25.97 53.68 -51.39
CA LYS B 121 -26.64 53.04 -52.52
C LYS B 121 -27.98 53.72 -52.81
N VAL B 122 -28.74 54.04 -51.75
CA VAL B 122 -29.98 54.78 -51.92
C VAL B 122 -29.73 56.20 -52.44
N ARG B 123 -28.84 56.91 -51.75
CA ARG B 123 -28.47 58.28 -52.10
C ARG B 123 -28.04 58.44 -53.57
N MET B 124 -27.11 57.61 -54.02
CA MET B 124 -26.63 57.70 -55.39
C MET B 124 -27.76 57.43 -56.39
N GLN B 125 -28.88 56.92 -55.88
CA GLN B 125 -30.05 56.64 -56.72
C GLN B 125 -30.97 57.86 -56.79
N LEU B 126 -31.57 58.19 -55.65
CA LEU B 126 -32.52 59.31 -55.53
C LEU B 126 -31.93 60.72 -55.53
N ARG B 127 -30.60 60.83 -55.63
CA ARG B 127 -29.89 61.99 -55.07
C ARG B 127 -30.55 63.38 -55.22
N ASP B 128 -30.63 63.94 -56.42
CA ASP B 128 -31.05 65.34 -56.53
C ASP B 128 -32.58 65.56 -56.46
N ASN B 129 -33.34 64.48 -56.38
CA ASN B 129 -34.79 64.57 -56.22
C ASN B 129 -35.20 64.64 -54.75
N VAL B 130 -34.20 64.71 -53.87
CA VAL B 130 -34.44 64.69 -52.43
C VAL B 130 -33.35 65.38 -51.61
N LYS B 131 -33.73 65.85 -50.43
CA LYS B 131 -32.81 66.43 -49.46
C LYS B 131 -32.36 65.35 -48.48
N GLU B 132 -31.04 65.22 -48.29
CA GLU B 132 -30.51 64.37 -47.22
C GLU B 132 -30.64 65.16 -45.92
N LEU B 133 -31.29 64.59 -44.91
CA LEU B 133 -31.50 65.34 -43.69
C LEU B 133 -30.26 65.30 -42.79
N GLY B 134 -29.33 64.41 -43.11
CA GLY B 134 -28.11 64.25 -42.33
C GLY B 134 -28.29 63.33 -41.15
N ASN B 135 -29.54 62.96 -40.89
CA ASN B 135 -29.89 62.05 -39.80
C ASN B 135 -29.99 60.61 -40.29
N GLY B 136 -29.70 60.40 -41.57
CA GLY B 136 -29.96 59.13 -42.22
C GLY B 136 -31.40 58.96 -42.65
N CYS B 137 -31.97 60.03 -43.22
CA CYS B 137 -33.33 59.98 -43.75
C CYS B 137 -33.42 60.90 -44.97
N PHE B 138 -34.26 60.54 -45.94
CA PHE B 138 -34.39 61.30 -47.19
C PHE B 138 -35.73 62.02 -47.29
N GLU B 139 -35.72 63.35 -47.26
CA GLU B 139 -36.94 64.15 -47.45
C GLU B 139 -37.20 64.39 -48.94
N PHE B 140 -38.47 64.28 -49.36
CA PHE B 140 -38.83 64.31 -50.78
C PHE B 140 -39.10 65.68 -51.44
N TYR B 141 -38.55 65.86 -52.64
CA TYR B 141 -38.84 67.01 -53.49
C TYR B 141 -40.01 66.72 -54.42
N HIS B 142 -40.61 65.55 -54.25
CA HIS B 142 -41.85 65.19 -54.94
C HIS B 142 -42.56 64.12 -54.11
N LYS B 143 -43.64 63.54 -54.63
CA LYS B 143 -44.23 62.39 -53.96
C LYS B 143 -43.77 61.11 -54.64
N CYS B 144 -43.15 60.22 -53.89
CA CYS B 144 -43.00 58.87 -54.38
C CYS B 144 -44.05 58.13 -53.56
N ASP B 145 -44.98 57.47 -54.22
CA ASP B 145 -46.12 56.90 -53.53
C ASP B 145 -45.60 55.57 -53.07
N ASP B 146 -46.44 54.70 -52.52
CA ASP B 146 -45.97 53.35 -52.64
C ASP B 146 -46.63 52.56 -53.75
N GLU B 147 -45.97 52.58 -54.89
CA GLU B 147 -45.57 51.40 -55.58
C GLU B 147 -44.14 51.84 -55.48
N CYS B 148 -43.86 52.99 -56.11
CA CYS B 148 -42.50 53.49 -56.34
C CYS B 148 -41.58 53.52 -55.13
N MET B 149 -42.11 53.56 -53.91
CA MET B 149 -41.26 53.41 -52.74
C MET B 149 -40.56 52.05 -52.86
N ASN B 150 -41.38 51.04 -53.15
CA ASN B 150 -40.91 49.68 -53.35
C ASN B 150 -40.05 49.59 -54.61
N SER B 151 -40.13 50.60 -55.48
CA SER B 151 -39.22 50.69 -56.61
C SER B 151 -37.87 51.21 -56.15
N VAL B 152 -37.90 52.04 -55.09
CA VAL B 152 -36.66 52.47 -54.46
C VAL B 152 -35.99 51.26 -53.87
N LYS B 153 -36.79 50.45 -53.15
CA LYS B 153 -36.31 49.21 -52.55
C LYS B 153 -35.73 48.25 -53.59
N ASN B 154 -36.51 47.93 -54.63
CA ASN B 154 -36.04 47.02 -55.67
C ASN B 154 -34.84 47.55 -56.47
N GLY B 155 -34.48 48.81 -56.26
CA GLY B 155 -33.29 49.37 -56.88
C GLY B 155 -33.44 50.25 -58.11
N THR B 156 -34.62 50.26 -58.73
CA THR B 156 -34.86 51.21 -59.82
C THR B 156 -36.07 52.08 -59.46
N TYR B 157 -35.82 53.33 -59.13
CA TYR B 157 -36.91 54.23 -58.76
C TYR B 157 -37.31 55.10 -59.95
N ASP B 158 -36.64 54.86 -61.08
CA ASP B 158 -36.92 55.57 -62.32
C ASP B 158 -36.73 57.08 -62.19
N TYR B 159 -35.46 57.49 -62.10
CA TYR B 159 -35.09 58.88 -61.83
C TYR B 159 -35.70 59.92 -62.76
N PRO B 160 -35.43 59.83 -64.08
CA PRO B 160 -35.84 60.91 -64.98
C PRO B 160 -37.34 61.11 -64.98
N LYS B 161 -38.10 60.04 -64.75
CA LYS B 161 -39.56 60.13 -64.72
C LYS B 161 -40.00 61.14 -63.67
N TYR B 162 -39.40 61.04 -62.49
CA TYR B 162 -39.75 61.91 -61.37
C TYR B 162 -38.86 63.16 -61.29
N GLU B 163 -37.95 63.28 -62.26
CA GLU B 163 -36.97 64.37 -62.26
C GLU B 163 -37.57 65.77 -62.23
N GLU B 164 -38.49 66.05 -63.15
CA GLU B 164 -39.01 67.40 -63.40
C GLU B 164 -39.87 67.97 -62.26
N GLU B 165 -40.84 67.20 -61.80
CA GLU B 165 -41.70 67.63 -60.70
C GLU B 165 -40.87 68.17 -59.54
N SER B 166 -39.76 67.49 -59.25
CA SER B 166 -38.85 67.92 -58.18
C SER B 166 -37.90 69.04 -58.62
N LYS B 167 -37.48 68.98 -59.88
CA LYS B 167 -36.64 70.01 -60.50
C LYS B 167 -37.24 71.42 -60.36
N LEU B 168 -38.53 71.56 -60.65
CA LEU B 168 -39.21 72.83 -60.39
C LEU B 168 -39.64 72.92 -58.92
N ASN B 169 -40.17 71.81 -58.41
CA ASN B 169 -40.61 71.69 -57.03
C ASN B 169 -39.54 72.14 -56.01
N ARG B 170 -38.28 71.85 -56.31
CA ARG B 170 -37.22 72.29 -55.41
C ARG B 170 -36.87 73.75 -55.72
N ASN B 171 -35.74 74.23 -55.20
CA ASN B 171 -35.55 75.65 -54.96
C ASN B 171 -36.49 76.18 -53.89
N GLU B 172 -37.05 77.38 -54.09
CA GLU B 172 -37.85 78.01 -53.04
C GLU B 172 -37.09 78.02 -51.70
N GLU C 1 5.13 -2.63 23.46
CA GLU C 1 3.87 -3.15 23.97
C GLU C 1 3.52 -4.48 23.30
N VAL C 2 4.53 -5.13 22.73
CA VAL C 2 4.40 -6.51 22.26
C VAL C 2 4.59 -7.40 23.49
N GLN C 3 3.57 -8.16 23.85
CA GLN C 3 3.70 -8.96 25.06
C GLN C 3 2.75 -10.15 25.14
N LEU C 4 3.11 -11.09 26.00
CA LEU C 4 2.30 -12.29 26.24
C LEU C 4 2.10 -12.39 27.74
N VAL C 5 0.88 -12.70 28.17
CA VAL C 5 0.62 -12.81 29.60
C VAL C 5 -0.05 -14.13 29.97
N GLU C 6 0.66 -14.96 30.72
CA GLU C 6 0.16 -16.29 31.08
C GLU C 6 -0.76 -16.26 32.30
N SER C 7 -1.83 -17.05 32.27
CA SER C 7 -2.78 -17.14 33.38
C SER C 7 -3.34 -18.56 33.56
N GLY C 8 -3.90 -18.81 34.74
CA GLY C 8 -4.47 -20.11 35.05
C GLY C 8 -3.62 -20.92 36.03
N GLY C 9 -2.39 -20.48 36.24
CA GLY C 9 -1.49 -21.15 37.15
C GLY C 9 -2.05 -21.18 38.56
N GLY C 10 -1.50 -22.05 39.41
CA GLY C 10 -2.01 -22.22 40.75
C GLY C 10 -1.65 -23.57 41.32
N VAL C 11 -2.43 -24.04 42.28
CA VAL C 11 -2.20 -25.36 42.84
C VAL C 11 -3.08 -26.42 42.15
N VAL C 12 -2.50 -27.57 41.90
CA VAL C 12 -3.22 -28.69 41.29
C VAL C 12 -2.82 -30.02 41.94
N GLN C 13 -3.81 -30.88 42.20
CA GLN C 13 -3.54 -32.16 42.86
C GLN C 13 -3.15 -33.24 41.85
N PRO C 14 -2.14 -34.04 42.20
CA PRO C 14 -1.58 -35.06 41.31
C PRO C 14 -2.62 -36.09 40.88
N GLY C 15 -2.61 -36.45 39.60
CA GLY C 15 -3.62 -37.33 39.03
C GLY C 15 -4.73 -36.51 38.39
N ARG C 16 -4.86 -35.26 38.84
CA ARG C 16 -5.80 -34.33 38.23
C ARG C 16 -5.18 -33.70 36.97
N SER C 17 -5.87 -32.72 36.38
CA SER C 17 -5.33 -32.04 35.20
C SER C 17 -5.31 -30.51 35.34
N LEU C 18 -4.48 -29.87 34.52
CA LEU C 18 -4.26 -28.42 34.56
C LEU C 18 -4.63 -27.74 33.25
N ARG C 19 -5.24 -26.55 33.35
CA ARG C 19 -5.57 -25.75 32.17
C ARG C 19 -5.00 -24.32 32.26
N LEU C 20 -4.35 -23.89 31.17
CA LEU C 20 -3.57 -22.67 31.16
C LEU C 20 -3.79 -21.85 29.88
N SER C 21 -3.71 -20.53 29.99
CA SER C 21 -3.82 -19.67 28.81
C SER C 21 -2.70 -18.63 28.72
N CYS C 22 -2.57 -18.04 27.53
CA CYS C 22 -1.60 -16.98 27.29
C CYS C 22 -2.27 -15.92 26.43
N ALA C 23 -2.14 -14.66 26.84
CA ALA C 23 -2.77 -13.57 26.10
C ALA C 23 -1.74 -12.75 25.32
N ALA C 24 -1.87 -12.75 24.00
CA ALA C 24 -0.95 -12.01 23.15
C ALA C 24 -1.47 -10.63 22.82
N SER C 25 -0.58 -9.65 22.76
CA SER C 25 -0.96 -8.28 22.45
C SER C 25 0.16 -7.52 21.78
N GLY C 26 -0.21 -6.55 20.95
CA GLY C 26 0.75 -5.63 20.36
C GLY C 26 1.45 -6.19 19.13
N PHE C 27 0.79 -7.12 18.46
CA PHE C 27 1.34 -7.77 17.27
C PHE C 27 0.31 -8.74 16.67
N MET C 28 0.59 -9.28 15.48
CA MET C 28 -0.38 -10.12 14.78
C MET C 28 -0.19 -11.59 15.17
N PHE C 29 -1.14 -12.11 15.94
CA PHE C 29 -1.01 -13.43 16.54
C PHE C 29 -1.03 -14.58 15.51
N SER C 30 -2.03 -14.56 14.63
CA SER C 30 -2.30 -15.64 13.68
C SER C 30 -1.20 -15.93 12.64
N SER C 31 -0.19 -15.06 12.57
CA SER C 31 0.93 -15.26 11.66
C SER C 31 2.11 -15.89 12.38
N TYR C 32 1.98 -16.09 13.68
CA TYR C 32 3.10 -16.56 14.49
C TYR C 32 2.87 -17.96 15.04
N VAL C 33 3.79 -18.88 14.75
CA VAL C 33 3.75 -20.16 15.44
C VAL C 33 4.17 -19.91 16.88
N MET C 34 3.50 -20.58 17.82
CA MET C 34 3.66 -20.28 19.24
C MET C 34 4.19 -21.48 20.04
N HIS C 35 4.72 -21.20 21.23
CA HIS C 35 5.44 -22.18 22.04
C HIS C 35 5.03 -22.25 23.50
N TRP C 36 5.01 -23.48 24.02
CA TRP C 36 4.92 -23.70 25.46
C TRP C 36 6.23 -24.28 25.95
N VAL C 37 6.83 -23.62 26.94
CA VAL C 37 8.05 -24.11 27.59
C VAL C 37 8.04 -23.77 29.08
N ARG C 38 8.48 -24.69 29.92
CA ARG C 38 8.41 -24.48 31.36
C ARG C 38 9.78 -24.51 32.03
N GLN C 39 9.93 -23.75 33.11
CA GLN C 39 11.13 -23.81 33.91
C GLN C 39 10.80 -24.27 35.33
N PRO C 40 11.17 -25.52 35.67
CA PRO C 40 11.03 -25.96 37.06
C PRO C 40 11.70 -24.91 37.97
N PRO C 41 11.24 -24.80 39.23
CA PRO C 41 11.58 -23.67 40.12
C PRO C 41 13.01 -23.69 40.64
N GLY C 42 13.94 -23.11 39.88
CA GLY C 42 15.33 -23.06 40.27
C GLY C 42 16.22 -23.97 39.42
N LYS C 43 15.59 -24.88 38.68
CA LYS C 43 16.29 -25.70 37.70
C LYS C 43 16.19 -25.01 36.32
N GLY C 44 16.70 -25.66 35.27
CA GLY C 44 16.72 -25.06 33.93
C GLY C 44 15.42 -25.13 33.13
N LEU C 45 15.54 -24.91 31.83
CA LEU C 45 14.38 -24.83 30.93
C LEU C 45 14.03 -26.14 30.24
N GLU C 46 12.74 -26.35 30.02
CA GLU C 46 12.24 -27.54 29.35
C GLU C 46 11.21 -27.16 28.29
N TRP C 47 11.48 -27.50 27.03
CA TRP C 47 10.51 -27.27 25.96
C TRP C 47 9.29 -28.16 26.18
N VAL C 48 8.10 -27.61 25.96
CA VAL C 48 6.90 -28.36 26.21
C VAL C 48 6.19 -28.73 24.91
N ALA C 49 5.70 -27.72 24.19
CA ALA C 49 5.06 -27.99 22.91
C ALA C 49 5.16 -26.81 21.94
N VAL C 50 4.69 -27.05 20.72
CA VAL C 50 4.63 -25.99 19.70
C VAL C 50 3.38 -26.16 18.86
N ILE C 51 2.75 -25.04 18.54
CA ILE C 51 1.55 -25.04 17.72
C ILE C 51 1.71 -24.08 16.55
N TRP C 52 1.36 -24.54 15.35
CA TRP C 52 1.52 -23.73 14.13
C TRP C 52 0.62 -22.50 14.10
N TYR C 53 1.04 -21.47 13.36
CA TYR C 53 0.25 -20.24 13.24
C TYR C 53 -1.21 -20.53 12.91
N ASP C 54 -1.46 -21.34 11.89
CA ASP C 54 -2.83 -21.63 11.46
C ASP C 54 -3.43 -22.80 12.24
N GLY C 55 -2.71 -23.29 13.24
CA GLY C 55 -3.20 -24.40 14.04
C GLY C 55 -3.18 -25.74 13.30
N SER C 56 -2.63 -25.75 12.09
CA SER C 56 -2.59 -26.97 11.26
C SER C 56 -1.78 -28.15 11.86
N LYS C 57 -0.71 -27.86 12.56
CA LYS C 57 0.11 -28.93 13.12
C LYS C 57 0.59 -28.63 14.54
N THR C 58 0.72 -29.68 15.36
CA THR C 58 1.26 -29.53 16.69
C THR C 58 2.40 -30.51 16.86
N TYR C 59 3.34 -30.13 17.71
CA TYR C 59 4.43 -31.02 18.06
C TYR C 59 4.59 -30.99 19.57
N PHE C 60 4.66 -32.17 20.19
CA PHE C 60 4.78 -32.27 21.65
C PHE C 60 6.13 -32.81 22.06
N ALA C 61 6.58 -32.42 23.24
CA ALA C 61 7.78 -32.99 23.85
C ALA C 61 7.55 -34.47 24.14
N ASP C 62 8.60 -35.28 24.02
CA ASP C 62 8.47 -36.72 24.27
C ASP C 62 7.96 -36.97 25.68
N SER C 63 8.25 -36.01 26.57
CA SER C 63 7.78 -36.05 27.95
C SER C 63 6.26 -35.97 28.04
N MET C 64 5.66 -35.30 27.07
CA MET C 64 4.25 -34.94 27.15
C MET C 64 3.28 -35.95 26.51
N ARG C 65 3.78 -37.08 26.01
CA ARG C 65 2.92 -38.00 25.25
C ARG C 65 1.63 -38.35 25.97
N GLY C 66 0.50 -38.20 25.28
CA GLY C 66 -0.77 -38.71 25.76
C GLY C 66 -1.46 -37.91 26.86
N ARG C 67 -0.74 -36.96 27.45
CA ARG C 67 -1.32 -36.08 28.46
C ARG C 67 -1.69 -34.69 27.95
N LEU C 68 -1.44 -34.41 26.68
CA LEU C 68 -1.41 -33.02 26.26
C LEU C 68 -2.32 -32.62 25.10
N THR C 69 -3.14 -31.60 25.34
CA THR C 69 -3.89 -30.92 24.29
C THR C 69 -3.42 -29.47 24.22
N VAL C 70 -3.07 -29.01 23.02
CA VAL C 70 -2.70 -27.61 22.85
C VAL C 70 -3.52 -26.99 21.74
N SER C 71 -4.12 -25.84 22.02
CA SER C 71 -5.00 -25.20 21.05
C SER C 71 -4.81 -23.69 21.07
N ARG C 72 -5.37 -23.02 20.08
CA ARG C 72 -5.22 -21.58 20.00
C ARG C 72 -6.45 -20.96 19.38
N ASP C 73 -6.86 -19.81 19.89
CA ASP C 73 -7.89 -19.06 19.22
C ASP C 73 -7.26 -17.78 18.70
N ASN C 74 -7.14 -17.70 17.37
CA ASN C 74 -6.41 -16.60 16.77
C ASN C 74 -7.14 -15.29 16.95
N SER C 75 -8.47 -15.31 16.80
CA SER C 75 -9.26 -14.09 16.94
C SER C 75 -9.26 -13.55 18.36
N LYS C 76 -8.99 -14.41 19.35
CA LYS C 76 -8.98 -13.98 20.74
C LYS C 76 -7.54 -13.69 21.21
N ASN C 77 -6.58 -13.83 20.30
CA ASN C 77 -5.17 -13.76 20.67
C ASN C 77 -4.93 -14.65 21.89
N ALA C 78 -5.37 -15.90 21.80
CA ALA C 78 -5.31 -16.81 22.95
C ALA C 78 -4.53 -18.09 22.68
N LEU C 79 -3.63 -18.42 23.62
CA LEU C 79 -2.95 -19.71 23.67
C LEU C 79 -3.54 -20.58 24.78
N TYR C 80 -3.76 -21.85 24.46
CA TYR C 80 -4.40 -22.77 25.40
C TYR C 80 -3.60 -24.06 25.56
N LEU C 81 -3.30 -24.39 26.82
CA LEU C 81 -2.65 -25.64 27.15
C LEU C 81 -3.52 -26.42 28.12
N GLN C 82 -3.68 -27.71 27.88
CA GLN C 82 -4.34 -28.60 28.84
C GLN C 82 -3.56 -29.89 29.03
N MET C 83 -3.13 -30.13 30.27
CA MET C 83 -2.26 -31.28 30.56
C MET C 83 -2.88 -32.20 31.61
N ASN C 84 -2.89 -33.50 31.32
CA ASN C 84 -3.52 -34.49 32.20
C ASN C 84 -2.52 -35.25 33.09
N ARG C 85 -3.08 -36.00 34.03
CA ARG C 85 -2.30 -36.86 34.93
C ARG C 85 -0.99 -36.20 35.39
N LEU C 86 -1.11 -35.21 36.25
CA LEU C 86 0.05 -34.46 36.75
C LEU C 86 0.82 -35.15 37.86
N ARG C 87 1.98 -34.58 38.18
CA ARG C 87 2.90 -35.12 39.18
C ARG C 87 3.84 -34.02 39.68
N ALA C 88 4.75 -34.37 40.57
CA ALA C 88 5.73 -33.42 41.11
C ALA C 88 6.61 -32.80 40.01
N GLU C 89 7.00 -33.62 39.04
CA GLU C 89 7.85 -33.16 37.94
C GLU C 89 7.22 -31.97 37.22
N ASP C 90 5.91 -32.06 37.01
CA ASP C 90 5.16 -31.04 36.30
C ASP C 90 5.08 -29.72 37.05
N THR C 91 5.42 -29.74 38.34
CA THR C 91 5.54 -28.50 39.11
C THR C 91 6.61 -27.63 38.47
N ALA C 92 6.26 -26.40 38.11
CA ALA C 92 7.22 -25.51 37.46
C ALA C 92 6.57 -24.19 37.11
N VAL C 93 7.40 -23.23 36.70
CA VAL C 93 6.88 -22.00 36.11
C VAL C 93 6.54 -22.31 34.66
N TYR C 94 5.45 -21.75 34.16
CA TYR C 94 5.03 -22.06 32.79
C TYR C 94 5.10 -20.84 31.88
N TYR C 95 5.69 -21.06 30.70
CA TYR C 95 6.05 -19.99 29.77
C TYR C 95 5.43 -20.14 28.41
N CYS C 96 4.89 -19.03 27.94
CA CYS C 96 4.35 -18.93 26.60
C CYS C 96 5.33 -18.07 25.81
N ALA C 97 5.97 -18.64 24.78
CA ALA C 97 6.92 -17.86 23.96
C ALA C 97 6.57 -17.82 22.46
N ARG C 98 6.94 -16.73 21.77
CA ARG C 98 6.64 -16.59 20.35
C ARG C 98 7.83 -16.97 19.46
N GLN C 99 7.61 -17.92 18.55
CA GLN C 99 8.63 -18.33 17.56
C GLN C 99 8.81 -17.27 16.49
N GLN C 100 10.04 -16.80 16.28
CA GLN C 100 10.28 -15.75 15.29
C GLN C 100 10.56 -16.29 13.88
N ASP C 101 10.01 -15.64 12.85
CA ASP C 101 10.28 -16.01 11.45
C ASP C 101 10.89 -14.86 10.66
N SER C 102 11.06 -15.02 9.36
CA SER C 102 11.73 -13.99 8.58
C SER C 102 10.72 -12.88 8.24
N GLY C 103 9.98 -13.05 7.15
CA GLY C 103 8.65 -12.47 7.02
C GLY C 103 7.67 -13.60 6.89
N TYR C 104 8.26 -14.78 6.69
CA TYR C 104 7.64 -15.86 5.95
C TYR C 104 7.01 -16.89 6.84
N SER C 105 5.85 -17.37 6.41
CA SER C 105 5.10 -18.39 7.10
C SER C 105 4.85 -19.56 6.16
N GLY C 106 5.10 -20.78 6.63
CA GLY C 106 4.80 -21.99 5.85
C GLY C 106 4.76 -23.24 6.71
N PRO C 107 4.29 -24.37 6.14
CA PRO C 107 4.04 -25.63 6.84
C PRO C 107 5.30 -26.35 7.34
N GLU C 108 6.39 -26.26 6.59
CA GLU C 108 7.63 -26.94 6.94
C GLU C 108 8.36 -26.35 8.15
N VAL C 109 8.87 -27.23 9.01
CA VAL C 109 9.62 -26.82 10.21
C VAL C 109 10.98 -26.24 9.80
N SER C 110 11.45 -26.63 8.62
CA SER C 110 12.73 -26.21 8.08
C SER C 110 12.91 -24.68 8.08
N TYR C 111 11.80 -23.96 8.01
CA TYR C 111 11.82 -22.50 7.98
C TYR C 111 12.13 -21.94 9.37
N TYR C 112 11.23 -22.23 10.31
CA TYR C 112 11.33 -21.76 11.68
C TYR C 112 12.55 -22.30 12.44
N SER C 113 13.06 -23.47 12.03
CA SER C 113 14.15 -24.13 12.77
C SER C 113 15.39 -23.25 12.90
N HIS C 114 15.58 -22.35 11.94
CA HIS C 114 16.72 -21.44 11.95
C HIS C 114 16.59 -20.32 12.98
N TYR C 115 15.39 -20.13 13.53
CA TYR C 115 15.11 -19.00 14.42
C TYR C 115 14.61 -19.48 15.78
N GLY C 116 13.98 -18.59 16.55
CA GLY C 116 13.36 -19.04 17.79
C GLY C 116 13.18 -18.12 18.98
N MET C 117 11.92 -17.83 19.28
CA MET C 117 11.53 -17.30 20.60
C MET C 117 12.04 -15.90 20.95
N ASP C 118 11.61 -14.90 20.18
CA ASP C 118 12.00 -13.51 20.41
C ASP C 118 11.21 -12.80 21.51
N VAL C 119 10.11 -13.39 21.99
CA VAL C 119 9.32 -12.78 23.07
C VAL C 119 8.69 -13.79 24.02
N TRP C 120 8.73 -13.51 25.32
CA TRP C 120 8.20 -14.41 26.34
C TRP C 120 7.24 -13.67 27.27
N GLY C 121 6.46 -14.43 28.04
CA GLY C 121 5.64 -13.84 29.08
C GLY C 121 6.41 -13.84 30.38
N GLN C 122 5.81 -13.33 31.45
CA GLN C 122 6.49 -13.39 32.74
C GLN C 122 6.18 -14.70 33.45
N GLY C 123 5.40 -15.56 32.78
CA GLY C 123 5.11 -16.90 33.26
C GLY C 123 3.94 -16.99 34.22
N THR C 124 3.49 -18.22 34.49
CA THR C 124 2.54 -18.49 35.57
C THR C 124 2.97 -19.76 36.31
N MET C 125 3.09 -19.68 37.64
CA MET C 125 3.67 -20.78 38.42
C MET C 125 2.67 -21.89 38.75
N VAL C 126 3.07 -23.14 38.57
CA VAL C 126 2.23 -24.29 38.89
C VAL C 126 2.89 -25.18 39.94
N THR C 127 2.13 -25.53 40.97
CA THR C 127 2.62 -26.41 42.04
C THR C 127 1.71 -27.63 42.20
N VAL C 128 2.29 -28.82 42.15
CA VAL C 128 1.52 -30.05 42.22
C VAL C 128 1.62 -30.73 43.58
N SER C 129 0.52 -30.73 44.33
CA SER C 129 0.44 -31.44 45.60
C SER C 129 -1.00 -31.82 45.94
N SER C 130 -1.16 -32.97 46.59
CA SER C 130 -2.49 -33.42 47.03
C SER C 130 -2.77 -32.84 48.41
N ALA C 131 -1.74 -32.26 49.00
CA ALA C 131 -1.82 -31.65 50.32
C ALA C 131 -2.54 -30.31 50.29
N SER C 132 -2.66 -29.66 51.45
CA SER C 132 -3.20 -28.31 51.55
C SER C 132 -3.34 -27.90 53.02
N THR C 133 -3.57 -26.62 53.25
CA THR C 133 -3.90 -26.11 54.58
C THR C 133 -2.91 -26.53 55.68
N LEU C 158 13.05 -26.12 65.38
CA LEU C 158 13.05 -25.80 63.96
C LEU C 158 11.61 -25.60 63.45
N VAL C 159 11.49 -25.24 62.18
CA VAL C 159 10.21 -25.31 61.46
C VAL C 159 10.35 -26.34 60.34
N LYS C 160 9.39 -27.25 60.25
CA LYS C 160 9.45 -28.32 59.25
C LYS C 160 8.07 -28.79 58.86
N ASP C 161 7.91 -29.19 57.61
CA ASP C 161 6.64 -29.70 57.11
C ASP C 161 5.47 -28.77 57.44
N TYR C 162 5.46 -27.61 56.80
CA TYR C 162 4.48 -26.57 57.14
C TYR C 162 3.76 -26.01 55.92
N PHE C 163 2.68 -25.30 56.19
CA PHE C 163 1.92 -24.60 55.16
C PHE C 163 1.29 -23.32 55.69
N PRO C 164 1.01 -22.36 54.79
CA PRO C 164 1.52 -22.30 53.42
C PRO C 164 2.73 -21.37 53.34
N GLU C 165 3.26 -21.17 52.13
CA GLU C 165 4.24 -20.11 51.94
C GLU C 165 3.53 -18.87 51.40
N PRO C 184 15.55 -19.38 53.85
CA PRO C 184 14.83 -19.66 52.61
C PRO C 184 14.37 -21.11 52.49
N ALA C 185 13.11 -21.28 52.09
CA ALA C 185 12.45 -22.60 52.03
C ALA C 185 12.85 -23.49 50.84
N VAL C 186 12.56 -24.79 50.99
CA VAL C 186 12.50 -25.71 49.85
C VAL C 186 11.47 -26.79 50.16
N LEU C 187 10.81 -27.30 49.12
CA LEU C 187 9.72 -28.25 49.32
C LEU C 187 10.10 -29.67 48.92
N GLN C 188 9.73 -30.64 49.75
CA GLN C 188 10.06 -32.05 49.52
C GLN C 188 8.96 -32.76 48.72
N SER C 189 9.13 -34.06 48.54
CA SER C 189 8.18 -34.89 47.78
C SER C 189 6.84 -35.08 48.47
N SER C 190 6.75 -34.63 49.72
CA SER C 190 5.53 -34.81 50.51
C SER C 190 4.49 -33.76 50.15
N GLY C 191 4.84 -32.88 49.21
CA GLY C 191 3.97 -31.79 48.81
C GLY C 191 4.00 -30.70 49.87
N LEU C 192 5.02 -30.78 50.74
CA LEU C 192 5.10 -29.92 51.91
C LEU C 192 6.34 -29.02 51.88
N TYR C 193 6.24 -27.89 52.57
CA TYR C 193 7.32 -26.90 52.64
C TYR C 193 8.07 -26.95 53.96
N SER C 194 9.37 -26.69 53.91
CA SER C 194 10.19 -26.52 55.13
C SER C 194 11.55 -25.82 54.91
N LEU C 195 12.17 -25.34 55.99
CA LEU C 195 13.50 -24.73 55.92
C LEU C 195 14.06 -24.56 57.33
N VAL D 3 19.02 -34.10 25.42
CA VAL D 3 19.50 -32.97 26.20
C VAL D 3 20.82 -32.43 25.63
N LEU D 4 21.07 -31.14 25.84
CA LEU D 4 22.35 -30.54 25.48
C LEU D 4 23.15 -30.34 26.77
N THR D 5 24.38 -29.87 26.64
CA THR D 5 25.29 -29.79 27.79
C THR D 5 26.13 -28.52 27.75
N GLN D 6 26.31 -27.89 28.91
CA GLN D 6 27.14 -26.69 28.98
C GLN D 6 28.06 -26.68 30.21
N SER D 7 29.03 -25.77 30.21
CA SER D 7 29.92 -25.60 31.37
C SER D 7 29.06 -25.34 32.61
N PRO D 8 29.50 -25.84 33.77
CA PRO D 8 28.68 -25.78 34.97
C PRO D 8 28.39 -24.37 35.44
N SER D 9 29.43 -23.54 35.45
CA SER D 9 29.34 -22.18 35.95
C SER D 9 30.51 -21.37 35.40
N ALA D 10 30.46 -20.05 35.59
CA ALA D 10 31.55 -19.19 35.14
C ALA D 10 31.60 -17.88 35.93
N SER D 11 32.76 -17.23 35.88
CA SER D 11 32.94 -15.93 36.51
C SER D 11 34.08 -15.16 35.84
N GLY D 12 34.05 -13.83 35.96
CA GLY D 12 35.05 -12.97 35.35
C GLY D 12 35.03 -11.56 35.93
N THR D 13 35.79 -10.65 35.33
CA THR D 13 35.88 -9.29 35.85
C THR D 13 35.31 -8.27 34.87
N PRO D 14 34.88 -7.11 35.38
CA PRO D 14 34.50 -6.00 34.50
C PRO D 14 35.62 -5.67 33.50
N GLY D 15 35.27 -5.53 32.23
CA GLY D 15 36.25 -5.28 31.19
C GLY D 15 36.77 -6.56 30.58
N GLN D 16 36.58 -7.68 31.28
CA GLN D 16 37.05 -8.98 30.82
C GLN D 16 36.10 -9.61 29.81
N ALA D 17 36.65 -10.47 28.95
CA ALA D 17 35.87 -11.19 27.95
C ALA D 17 35.78 -12.66 28.35
N ILE D 18 34.58 -13.22 28.36
CA ILE D 18 34.44 -14.62 28.77
C ILE D 18 33.60 -15.48 27.81
N THR D 19 33.87 -16.79 27.81
CA THR D 19 33.31 -17.71 26.82
C THR D 19 32.66 -18.96 27.41
N ILE D 20 31.39 -19.18 27.05
CA ILE D 20 30.62 -20.33 27.54
C ILE D 20 30.25 -21.29 26.39
N SER D 21 30.27 -22.60 26.66
CA SER D 21 30.12 -23.61 25.59
C SER D 21 28.85 -24.45 25.69
N CYS D 22 28.46 -25.03 24.55
CA CYS D 22 27.29 -25.89 24.45
C CYS D 22 27.62 -27.06 23.52
N SER D 23 27.21 -28.26 23.88
CA SER D 23 27.53 -29.44 23.07
C SER D 23 26.38 -30.45 23.01
N GLY D 24 26.24 -31.14 21.88
CA GLY D 24 25.14 -32.08 21.68
C GLY D 24 25.20 -32.93 20.42
N SER D 25 24.18 -33.76 20.22
CA SER D 25 24.16 -34.77 19.15
C SER D 25 24.14 -34.19 17.74
N SER D 26 24.57 -35.00 16.78
CA SER D 26 24.41 -34.72 15.36
C SER D 26 22.95 -34.44 15.00
N SER D 27 22.05 -35.12 15.72
CA SER D 27 20.61 -34.91 15.57
C SER D 27 20.26 -33.43 15.60
N ASN D 28 20.44 -32.81 16.76
CA ASN D 28 20.11 -31.40 16.93
C ASN D 28 21.13 -30.48 16.24
N ILE D 29 22.11 -30.01 17.00
CA ILE D 29 23.13 -29.08 16.50
C ILE D 29 23.82 -29.48 15.18
N GLY D 30 24.20 -30.75 15.04
CA GLY D 30 24.82 -31.20 13.80
C GLY D 30 24.02 -30.84 12.57
N SER D 31 22.69 -30.94 12.67
CA SER D 31 21.80 -30.63 11.56
C SER D 31 21.26 -29.21 11.66
N ASN D 32 20.47 -28.97 12.70
CA ASN D 32 19.82 -27.69 12.93
C ASN D 32 20.71 -26.75 13.75
N PRO D 33 20.56 -25.43 13.55
CA PRO D 33 21.38 -24.41 14.22
C PRO D 33 20.91 -24.05 15.63
N VAL D 34 21.62 -23.09 16.25
CA VAL D 34 21.49 -22.83 17.68
C VAL D 34 21.15 -21.38 18.05
N ASN D 35 20.30 -21.21 19.06
CA ASN D 35 19.98 -19.90 19.61
C ASN D 35 20.44 -19.81 21.07
N TRP D 36 20.67 -18.59 21.55
CA TRP D 36 21.09 -18.37 22.93
C TRP D 36 20.15 -17.42 23.66
N TYR D 37 19.71 -17.85 24.85
CA TYR D 37 18.82 -17.05 25.68
C TYR D 37 19.50 -16.63 26.99
N GLN D 38 19.11 -15.46 27.50
CA GLN D 38 19.68 -14.91 28.72
C GLN D 38 18.59 -14.59 29.74
N GLN D 39 18.72 -15.17 30.93
CA GLN D 39 17.75 -14.93 32.00
C GLN D 39 18.42 -14.24 33.20
N LEU D 40 18.08 -12.96 33.39
CA LEU D 40 18.52 -12.20 34.55
C LEU D 40 17.63 -12.58 35.74
N PRO D 41 18.22 -12.60 36.95
CA PRO D 41 17.56 -13.13 38.17
C PRO D 41 16.23 -12.47 38.53
N GLY D 42 15.39 -13.23 39.19
CA GLY D 42 14.05 -12.77 39.51
C GLY D 42 13.16 -12.53 38.29
N ALA D 43 13.67 -12.78 37.07
CA ALA D 43 12.91 -12.47 35.85
C ALA D 43 12.85 -13.56 34.77
N ALA D 44 12.36 -13.18 33.58
CA ALA D 44 12.08 -14.11 32.48
C ALA D 44 13.07 -13.96 31.33
N PRO D 45 13.24 -15.03 30.54
CA PRO D 45 14.19 -15.14 29.43
C PRO D 45 14.00 -14.08 28.38
N LYS D 46 15.09 -13.75 27.69
CA LYS D 46 15.06 -12.88 26.53
C LYS D 46 16.14 -13.40 25.59
N LEU D 47 15.83 -13.43 24.29
CA LEU D 47 16.73 -14.07 23.32
C LEU D 47 17.97 -13.21 23.07
N LEU D 48 19.13 -13.79 23.36
CA LEU D 48 20.42 -13.13 23.16
C LEU D 48 20.94 -13.23 21.73
N ILE D 49 20.85 -14.43 21.16
CA ILE D 49 21.40 -14.70 19.83
C ILE D 49 20.50 -15.67 19.05
N TYR D 50 20.35 -15.49 17.74
CA TYR D 50 19.57 -16.44 16.93
C TYR D 50 20.35 -16.94 15.72
N ALA D 51 20.13 -18.21 15.37
CA ALA D 51 20.83 -18.81 14.24
C ALA D 51 22.34 -18.57 14.29
N ASP D 52 23.01 -19.15 15.29
CA ASP D 52 24.45 -18.99 15.48
C ASP D 52 24.88 -17.52 15.65
N GLU D 53 25.67 -17.03 14.69
CA GLU D 53 26.24 -15.68 14.75
C GLU D 53 25.26 -14.55 15.11
N HIS D 54 24.07 -14.56 14.51
CA HIS D 54 23.22 -13.35 14.50
C HIS D 54 22.57 -12.92 15.82
N ARG D 55 22.76 -11.64 16.14
CA ARG D 55 22.04 -10.99 17.23
C ARG D 55 20.78 -10.29 16.75
N PRO D 56 19.80 -10.11 17.66
CA PRO D 56 18.61 -9.29 17.38
C PRO D 56 18.85 -7.82 17.72
N SER D 57 17.83 -6.98 17.55
CA SER D 57 17.96 -5.56 17.85
C SER D 57 17.82 -5.29 19.35
N GLY D 58 18.59 -4.33 19.85
CA GLY D 58 18.56 -3.98 21.26
C GLY D 58 19.66 -4.66 22.06
N VAL D 59 20.45 -5.47 21.37
CA VAL D 59 21.51 -6.25 22.03
C VAL D 59 22.89 -5.68 21.71
N PRO D 60 23.63 -5.29 22.76
CA PRO D 60 24.98 -4.71 22.67
C PRO D 60 25.96 -5.59 21.91
N ASP D 61 26.97 -4.97 21.30
CA ASP D 61 27.91 -5.67 20.42
C ASP D 61 28.85 -6.68 21.10
N ARG D 62 29.21 -6.44 22.35
CA ARG D 62 30.11 -7.35 23.07
C ARG D 62 29.67 -8.81 22.95
N PHE D 63 28.36 -9.05 23.01
CA PHE D 63 27.82 -10.41 22.85
C PHE D 63 27.93 -10.87 21.40
N SER D 64 28.33 -12.12 21.22
CA SER D 64 28.34 -12.72 19.88
C SER D 64 28.81 -14.16 20.02
N GLY D 65 28.50 -14.98 19.03
CA GLY D 65 28.73 -16.41 19.16
C GLY D 65 28.90 -17.13 17.84
N SER D 66 29.01 -18.46 17.92
CA SER D 66 29.28 -19.27 16.73
C SER D 66 28.98 -20.75 16.98
N LYS D 67 29.17 -21.56 15.95
CA LYS D 67 29.06 -23.02 16.06
C LYS D 67 29.93 -23.72 15.03
N SER D 68 30.44 -24.90 15.39
CA SER D 68 31.16 -25.76 14.46
C SER D 68 30.87 -27.20 14.85
N GLY D 69 30.75 -28.08 13.86
CA GLY D 69 30.41 -29.46 14.13
C GLY D 69 29.17 -29.54 15.00
N THR D 70 29.23 -30.35 16.06
CA THR D 70 28.10 -30.52 16.97
C THR D 70 28.21 -29.61 18.19
N SER D 71 29.23 -28.76 18.22
CA SER D 71 29.40 -27.86 19.36
C SER D 71 29.14 -26.41 18.96
N ALA D 72 28.70 -25.62 19.94
CA ALA D 72 28.50 -24.18 19.74
C ALA D 72 29.13 -23.42 20.90
N SER D 73 29.34 -22.12 20.70
CA SER D 73 30.03 -21.31 21.70
C SER D 73 29.48 -19.87 21.73
N LEU D 74 29.56 -19.25 22.91
CA LEU D 74 29.08 -17.89 23.13
C LEU D 74 30.15 -17.04 23.82
N ALA D 75 30.26 -15.77 23.42
CA ALA D 75 31.30 -14.89 23.93
C ALA D 75 30.82 -13.47 24.28
N ILE D 76 31.33 -12.99 25.42
CA ILE D 76 31.14 -11.60 25.84
C ILE D 76 32.51 -10.87 25.83
N SER D 77 32.66 -9.92 24.91
CA SER D 77 33.95 -9.25 24.66
C SER D 77 34.35 -8.26 25.76
N GLY D 78 33.36 -7.67 26.40
CA GLY D 78 33.63 -6.81 27.54
C GLY D 78 32.49 -6.96 28.53
N LEU D 79 32.76 -6.66 29.79
CA LEU D 79 31.86 -7.11 30.85
C LEU D 79 31.37 -6.00 31.77
N GLN D 80 30.05 -5.86 31.85
CA GLN D 80 29.43 -4.89 32.74
C GLN D 80 28.56 -5.64 33.74
N SER D 81 28.25 -5.00 34.87
CA SER D 81 27.46 -5.63 35.92
C SER D 81 26.12 -6.15 35.40
N GLU D 82 25.62 -5.51 34.35
CA GLU D 82 24.35 -5.88 33.73
C GLU D 82 24.38 -7.28 33.13
N ASP D 83 25.58 -7.82 32.94
CA ASP D 83 25.76 -9.09 32.24
C ASP D 83 25.66 -10.32 33.14
N GLU D 84 25.29 -10.13 34.41
CA GLU D 84 25.18 -11.27 35.33
C GLU D 84 23.82 -11.96 35.18
N ALA D 85 23.83 -13.23 34.77
CA ALA D 85 22.60 -13.97 34.52
C ALA D 85 22.84 -15.48 34.27
N ASP D 86 21.77 -16.19 33.92
CA ASP D 86 21.86 -17.57 33.45
C ASP D 86 21.81 -17.62 31.92
N TYR D 87 22.63 -18.45 31.30
CA TYR D 87 22.72 -18.50 29.83
C TYR D 87 22.39 -19.88 29.25
N TYR D 88 21.46 -19.93 28.29
CA TYR D 88 21.01 -21.20 27.73
C TYR D 88 21.21 -21.32 26.22
N CYS D 89 21.90 -22.36 25.79
CA CYS D 89 21.88 -22.73 24.38
C CYS D 89 20.61 -23.54 24.11
N ALA D 90 20.06 -23.42 22.91
CA ALA D 90 18.89 -24.18 22.54
C ALA D 90 18.96 -24.50 21.06
N ALA D 91 18.55 -25.71 20.68
CA ALA D 91 18.54 -26.06 19.27
C ALA D 91 17.40 -27.02 18.94
N TRP D 92 16.88 -26.92 17.72
CA TRP D 92 15.87 -27.86 17.27
C TRP D 92 16.52 -29.23 17.07
N ASP D 93 15.75 -30.29 17.26
CA ASP D 93 16.29 -31.63 17.22
C ASP D 93 16.09 -32.33 15.88
N ASP D 94 14.84 -32.55 15.50
CA ASP D 94 14.55 -33.39 14.34
C ASP D 94 15.00 -34.81 14.65
N SER D 95 14.60 -35.24 15.83
CA SER D 95 14.81 -36.59 16.32
C SER D 95 13.67 -37.48 15.87
N LEU D 96 13.65 -38.70 16.39
CA LEU D 96 12.39 -39.42 16.55
C LEU D 96 12.44 -39.43 18.07
N SER D 97 11.29 -39.53 18.73
CA SER D 97 9.96 -39.62 18.10
C SER D 97 9.55 -38.64 16.99
N GLY D 98 9.63 -37.34 17.24
CA GLY D 98 9.22 -36.34 16.25
C GLY D 98 10.10 -35.12 16.38
N PRO D 99 9.89 -34.09 15.52
CA PRO D 99 10.65 -32.84 15.70
C PRO D 99 10.42 -32.24 17.08
N ALA D 100 11.45 -31.60 17.64
CA ALA D 100 11.34 -31.05 18.99
C ALA D 100 12.45 -30.07 19.29
N VAL D 101 12.14 -29.05 20.08
CA VAL D 101 13.15 -28.12 20.58
C VAL D 101 13.90 -28.78 21.75
N VAL D 102 15.15 -28.39 21.96
CA VAL D 102 15.95 -28.95 23.04
C VAL D 102 16.77 -27.85 23.73
N PHE D 103 16.83 -27.89 25.05
CA PHE D 103 17.54 -26.86 25.82
C PHE D 103 18.78 -27.42 26.53
N GLY D 104 19.84 -26.64 26.58
CA GLY D 104 20.99 -26.98 27.40
C GLY D 104 20.55 -26.89 28.85
N GLY D 105 21.25 -27.58 29.75
CA GLY D 105 20.94 -27.53 31.16
C GLY D 105 20.96 -26.12 31.72
N GLY D 106 22.06 -25.41 31.46
CA GLY D 106 22.16 -24.00 31.81
C GLY D 106 23.58 -23.60 32.15
N THR D 107 23.78 -22.31 32.40
CA THR D 107 25.04 -21.80 32.92
C THR D 107 24.76 -20.54 33.72
N LYS D 108 25.42 -20.38 34.86
CA LYS D 108 25.33 -19.13 35.58
C LYS D 108 26.71 -18.50 35.58
N LEU D 109 26.77 -17.19 35.37
CA LEU D 109 28.05 -16.52 35.44
C LEU D 109 28.00 -15.35 36.41
N THR D 110 29.17 -14.98 36.92
CA THR D 110 29.25 -13.93 37.93
C THR D 110 30.30 -12.88 37.55
N VAL D 111 29.89 -11.61 37.59
CA VAL D 111 30.77 -10.49 37.23
C VAL D 111 31.81 -10.16 38.30
N LEU D 112 31.66 -10.74 39.48
CA LEU D 112 32.59 -10.45 40.56
C LEU D 112 32.63 -8.95 40.78
N GLY D 113 31.59 -8.42 41.40
CA GLY D 113 31.55 -7.04 41.82
C GLY D 113 32.10 -6.89 43.23
N GLN D 114 32.94 -7.84 43.64
CA GLN D 114 33.47 -7.89 45.00
C GLN D 114 34.47 -9.02 45.14
N PRO D 115 35.08 -9.14 46.33
CA PRO D 115 36.03 -10.23 46.61
C PRO D 115 35.38 -11.60 46.49
N LYS D 116 36.20 -12.63 46.30
CA LYS D 116 35.70 -14.00 46.37
C LYS D 116 35.55 -14.37 47.85
N ALA D 117 35.16 -15.62 48.11
CA ALA D 117 35.04 -16.09 49.48
C ALA D 117 34.83 -17.60 49.53
N ALA D 118 34.76 -18.14 50.74
CA ALA D 118 34.51 -19.57 50.94
C ALA D 118 33.54 -19.75 52.09
N PRO D 119 32.67 -20.77 52.01
CA PRO D 119 31.52 -20.80 52.93
C PRO D 119 31.77 -21.19 54.38
N SER D 120 30.70 -21.09 55.17
CA SER D 120 30.71 -21.31 56.62
C SER D 120 30.22 -22.70 57.07
N VAL D 121 30.06 -23.63 56.13
CA VAL D 121 29.10 -24.73 56.29
C VAL D 121 29.07 -25.41 57.66
N THR D 122 27.85 -25.58 58.19
CA THR D 122 27.61 -26.22 59.48
C THR D 122 26.53 -27.30 59.34
N LEU D 123 26.45 -28.20 60.31
CA LEU D 123 25.76 -29.49 60.14
C LEU D 123 24.49 -29.71 60.99
N PHE D 124 24.64 -29.70 62.30
CA PHE D 124 23.50 -29.81 63.23
C PHE D 124 22.61 -31.03 62.96
N PRO D 125 23.09 -32.24 63.34
CA PRO D 125 22.39 -33.50 63.06
C PRO D 125 20.98 -33.58 63.68
N PRO D 126 20.24 -34.69 63.45
CA PRO D 126 18.83 -34.72 63.86
C PRO D 126 18.62 -34.53 65.36
N SER D 127 17.71 -33.62 65.72
CA SER D 127 17.45 -33.27 67.12
C SER D 127 16.85 -34.43 67.93
N SER D 128 17.06 -34.38 69.24
CA SER D 128 16.71 -35.48 70.16
C SER D 128 15.23 -35.56 70.48
N GLU D 129 14.46 -34.57 70.05
CA GLU D 129 13.01 -34.69 70.05
C GLU D 129 12.74 -36.08 69.45
N GLU D 130 13.11 -36.23 68.18
CA GLU D 130 13.43 -37.52 67.59
C GLU D 130 12.38 -38.61 67.72
N LEU D 131 11.25 -38.43 67.04
CA LEU D 131 10.31 -39.52 66.84
C LEU D 131 10.42 -39.92 65.37
N GLN D 132 11.05 -41.05 65.09
CA GLN D 132 11.49 -41.36 63.73
C GLN D 132 12.43 -40.23 63.26
N LEU D 138 20.00 -33.01 60.39
CA LEU D 138 19.83 -33.17 58.95
C LEU D 138 20.37 -31.98 58.15
N VAL D 139 20.31 -30.79 58.76
CA VAL D 139 20.43 -29.55 58.00
C VAL D 139 21.86 -29.05 57.83
N CYS D 140 22.33 -29.06 56.59
CA CYS D 140 23.64 -28.52 56.26
C CYS D 140 23.43 -27.15 55.62
N LEU D 141 23.81 -26.11 56.34
CA LEU D 141 23.64 -24.76 55.83
C LEU D 141 24.99 -24.07 55.62
N ILE D 142 25.16 -23.49 54.45
CA ILE D 142 26.40 -22.78 54.14
C ILE D 142 26.13 -21.31 54.41
N SER D 143 26.72 -20.79 55.49
CA SER D 143 26.26 -19.57 56.15
C SER D 143 26.60 -18.25 55.45
N ASP D 144 27.55 -18.30 54.52
CA ASP D 144 27.74 -17.22 53.55
C ASP D 144 28.96 -17.47 52.66
N PHE D 145 28.96 -16.88 51.47
CA PHE D 145 30.00 -17.17 50.49
C PHE D 145 29.74 -16.44 49.17
N TYR D 146 30.77 -16.27 48.36
CA TYR D 146 30.62 -15.67 47.05
C TYR D 146 31.61 -16.26 46.06
N PRO D 147 31.18 -16.43 44.80
CA PRO D 147 29.80 -16.32 44.33
C PRO D 147 29.00 -17.57 44.69
N GLY D 148 27.79 -17.70 44.14
CA GLY D 148 26.93 -18.83 44.45
C GLY D 148 27.28 -20.10 43.69
N ALA D 149 26.30 -20.97 43.53
CA ALA D 149 26.51 -22.26 42.87
C ALA D 149 27.60 -23.08 43.57
N VAL D 150 27.27 -23.55 44.77
CA VAL D 150 28.22 -24.32 45.58
C VAL D 150 28.18 -25.83 45.33
N THR D 151 27.21 -26.29 44.54
CA THR D 151 27.13 -27.69 44.12
C THR D 151 27.46 -28.74 45.21
N VAL D 152 26.60 -28.85 46.22
CA VAL D 152 26.79 -29.83 47.30
C VAL D 152 26.65 -31.26 46.80
N GLY D 164 16.78 -39.37 50.07
CA GLY D 164 16.07 -38.18 50.50
C GLY D 164 16.87 -36.90 50.28
N VAL D 165 17.42 -36.76 49.09
CA VAL D 165 18.34 -35.66 48.78
C VAL D 165 17.60 -34.36 48.46
N GLU D 166 17.86 -33.32 49.26
CA GLU D 166 17.26 -31.99 49.08
C GLU D 166 18.28 -30.86 49.28
N THR D 167 18.29 -29.89 48.37
CA THR D 167 19.17 -28.73 48.47
C THR D 167 18.48 -27.48 47.92
N THR D 168 18.66 -26.33 48.57
CA THR D 168 18.02 -25.10 48.13
C THR D 168 18.92 -24.34 47.17
N THR D 169 18.40 -23.24 46.62
CA THR D 169 19.09 -22.51 45.56
C THR D 169 19.77 -21.28 46.17
N PRO D 170 21.08 -21.12 45.94
CA PRO D 170 21.88 -20.16 46.71
C PRO D 170 21.25 -18.77 46.77
N SER D 171 21.15 -18.21 47.97
CA SER D 171 20.30 -17.05 48.22
C SER D 171 21.07 -15.77 48.58
N LYS D 172 20.60 -14.64 48.06
CA LYS D 172 21.16 -13.32 48.34
C LYS D 172 20.77 -12.89 49.75
N GLN D 173 21.58 -12.03 50.36
CA GLN D 173 21.28 -11.50 51.69
C GLN D 173 22.03 -10.20 51.96
N SER D 174 21.87 -9.66 53.16
CA SER D 174 22.45 -8.37 53.55
C SER D 174 23.95 -8.20 53.27
N ASN D 175 24.75 -9.14 53.76
CA ASN D 175 26.21 -9.04 53.68
C ASN D 175 26.74 -9.07 52.24
N ASN D 176 25.81 -9.32 51.32
CA ASN D 176 26.10 -9.44 49.89
C ASN D 176 27.05 -10.58 49.50
N LYS D 177 26.96 -11.65 50.29
CA LYS D 177 27.48 -12.97 49.91
C LYS D 177 26.22 -13.83 49.94
N TYR D 178 26.30 -15.11 49.59
CA TYR D 178 25.08 -15.88 49.46
C TYR D 178 24.92 -16.95 50.54
N ALA D 179 23.80 -17.65 50.52
CA ALA D 179 23.54 -18.71 51.50
C ALA D 179 22.95 -19.94 50.83
N ALA D 180 22.56 -20.93 51.63
CA ALA D 180 21.97 -22.16 51.11
C ALA D 180 21.57 -23.11 52.24
N SER D 181 20.89 -24.19 51.88
CA SER D 181 20.47 -25.21 52.82
C SER D 181 20.41 -26.57 52.12
N SER D 182 20.61 -27.64 52.87
CA SER D 182 20.46 -29.00 52.36
C SER D 182 19.94 -29.90 53.46
N TYR D 183 19.02 -30.79 53.12
CA TYR D 183 18.44 -31.70 54.12
C TYR D 183 18.39 -33.08 53.57
N LEU D 184 18.19 -34.06 54.43
CA LEU D 184 18.11 -35.41 53.94
C LEU D 184 16.84 -36.19 54.30
N SER D 185 16.82 -36.74 55.51
CA SER D 185 15.92 -37.85 55.74
C SER D 185 16.16 -38.52 57.05
N LEU D 186 15.36 -39.55 57.32
CA LEU D 186 15.92 -40.79 57.83
C LEU D 186 14.92 -41.95 57.72
N THR D 187 15.48 -43.16 57.60
CA THR D 187 14.81 -44.35 58.04
C THR D 187 15.83 -44.56 59.13
N PRO D 188 15.41 -44.32 60.39
CA PRO D 188 16.34 -43.68 61.32
C PRO D 188 17.53 -44.53 61.77
N GLU D 189 18.32 -45.08 60.86
CA GLU D 189 19.53 -45.72 61.32
C GLU D 189 20.83 -45.51 60.55
N GLN D 190 21.74 -44.76 61.17
CA GLN D 190 23.04 -45.31 61.59
C GLN D 190 23.92 -46.05 60.58
N TRP D 191 23.41 -46.36 59.39
CA TRP D 191 24.27 -47.02 58.40
C TRP D 191 24.69 -45.87 57.51
N LYS D 192 25.98 -45.59 57.45
CA LYS D 192 26.36 -44.21 57.28
C LYS D 192 25.72 -43.78 58.58
N SER D 193 26.32 -44.19 59.69
CA SER D 193 27.69 -44.74 59.81
C SER D 193 28.10 -46.11 59.25
N HIS D 194 29.39 -46.40 59.34
CA HIS D 194 30.36 -45.46 59.92
C HIS D 194 30.71 -44.43 58.87
N ARG D 195 30.25 -44.68 57.64
CA ARG D 195 30.38 -43.71 56.55
C ARG D 195 29.65 -42.42 56.94
N SER D 196 28.84 -42.53 57.99
CA SER D 196 28.29 -41.41 58.75
C SER D 196 27.62 -40.32 57.91
N TYR D 197 27.89 -39.07 58.28
CA TYR D 197 27.25 -37.90 57.67
C TYR D 197 28.32 -36.86 57.33
N SER D 198 28.24 -36.27 56.15
CA SER D 198 29.32 -35.41 55.66
C SER D 198 28.90 -34.02 55.21
N CYS D 199 28.15 -33.96 54.12
CA CYS D 199 27.87 -32.70 53.44
C CYS D 199 29.17 -32.03 52.97
N GLN D 200 29.81 -32.63 51.98
CA GLN D 200 30.97 -32.02 51.35
C GLN D 200 30.50 -31.12 50.21
N VAL D 201 30.80 -29.83 50.29
CA VAL D 201 30.29 -28.87 49.29
C VAL D 201 31.42 -28.16 48.55
N THR D 202 31.22 -27.87 47.26
CA THR D 202 32.33 -27.50 46.39
C THR D 202 32.25 -26.07 45.80
N HIS D 203 33.27 -25.27 46.07
CA HIS D 203 33.31 -23.90 45.56
C HIS D 203 34.04 -23.78 44.23
N GLU D 204 34.40 -24.90 43.61
CA GLU D 204 35.31 -24.79 42.44
C GLU D 204 36.52 -24.02 42.91
N GLY D 205 37.41 -24.76 43.56
CA GLY D 205 38.07 -24.32 44.76
C GLY D 205 37.38 -25.32 45.67
N SER D 206 37.72 -25.36 46.95
CA SER D 206 37.55 -26.61 47.71
C SER D 206 36.16 -27.25 47.91
N THR D 207 36.09 -28.57 47.71
CA THR D 207 34.99 -29.36 48.28
C THR D 207 35.34 -29.53 49.75
N VAL D 208 34.38 -29.33 50.64
CA VAL D 208 34.70 -29.17 52.05
C VAL D 208 33.77 -30.01 52.93
N GLU D 209 34.32 -30.50 54.04
CA GLU D 209 33.66 -31.54 54.83
C GLU D 209 33.39 -31.14 56.28
N LYS D 210 32.12 -31.20 56.66
CA LYS D 210 31.65 -30.87 58.01
C LYS D 210 31.43 -32.07 58.93
N THR D 211 31.87 -33.26 58.52
CA THR D 211 31.35 -34.52 59.06
C THR D 211 31.21 -34.60 60.58
N VAL D 212 30.01 -35.01 61.01
CA VAL D 212 29.60 -35.10 62.42
C VAL D 212 28.69 -36.32 62.64
N ALA D 213 28.25 -36.50 63.88
CA ALA D 213 27.14 -37.41 64.22
C ALA D 213 27.42 -38.90 64.06
N PRO D 214 26.62 -39.72 64.77
CA PRO D 214 26.58 -41.19 64.66
C PRO D 214 26.19 -41.61 63.24
#